data_6KS2
#
_entry.id   6KS2
#
_cell.length_a   42.239
_cell.length_b   107.916
_cell.length_c   189.892
_cell.angle_alpha   90.000
_cell.angle_beta   90.000
_cell.angle_gamma   90.000
#
_symmetry.space_group_name_H-M   'P 21 21 21'
#
loop_
_entity.id
_entity.type
_entity.pdbx_description
1 polymer 'Fab7881 Light Chain (FabL)'
2 polymer 'Fab7881 Heavy Chain (FabH)'
3 water water
#
loop_
_entity_poly.entity_id
_entity_poly.type
_entity_poly.pdbx_seq_one_letter_code
_entity_poly.pdbx_strand_id
1 'polypeptide(L)'
;DIVMTQSPSSLAVSAGEKVTLSCKSSQSLFNSRTRKNYLAWYQQKPGLSPTLLIYWASTRKSGVPDRFTGSGSGTDFTLT
ITSVQAEDLAVYYCKQSYYLRTFGGGTKLEIKRADAAPTVSIFPPSSEQLTSGGASVVCFLNNFYPKDINVKWKIDGSER
QNGVLNSWTDQDSKDSTYSMSSTLTLTKDEYERHNSYTCEATHKTSTSPIVKSFNRNEC
;
A,C
2 'polypeptide(L)'
;EVQLQQSGAELVRPGASVKLSCKASGYTFTDYEMHWVKQTPVHGLEWIGAIDPETGGTVYNQKFKGKATLTADISSTTAY
MELRSLTSEDSAVYFCISEDIDESKDYWGQGTTLTVSSAKTTAPSVYPLAPVCGDTSGSSVTLGCLVKGYFPEPVTLTWN
SGSLSSGVHTFPAVLQSDLYTLSSSVTVTSSTWPSQSITCNVAHPASSTKVDKKIEPR
;
B,D
#
# COMPACT_ATOMS: atom_id res chain seq x y z
N ASP A 1 27.44 -4.31 -31.47
CA ASP A 1 26.08 -3.91 -31.17
C ASP A 1 25.22 -3.93 -32.44
N ILE A 2 24.95 -5.13 -32.95
CA ILE A 2 24.13 -5.31 -34.14
C ILE A 2 22.76 -4.66 -33.94
N VAL A 3 22.32 -3.90 -34.93
CA VAL A 3 21.04 -3.20 -34.88
C VAL A 3 20.05 -3.92 -35.79
N MET A 4 18.80 -4.03 -35.33
CA MET A 4 17.72 -4.70 -36.04
C MET A 4 16.60 -3.71 -36.34
N THR A 5 16.12 -3.72 -37.59
CA THR A 5 15.02 -2.84 -38.01
C THR A 5 13.91 -3.68 -38.63
N GLN A 6 12.68 -3.44 -38.19
CA GLN A 6 11.51 -4.16 -38.69
C GLN A 6 10.57 -3.24 -39.45
N SER A 7 9.86 -3.83 -40.41
CA SER A 7 8.88 -3.11 -41.21
C SER A 7 7.83 -4.07 -41.80
N PRO A 8 6.59 -3.58 -41.97
CA PRO A 8 6.15 -2.28 -41.44
C PRO A 8 6.05 -2.31 -39.92
N SER A 9 5.92 -1.14 -39.30
CA SER A 9 5.70 -1.12 -37.86
C SER A 9 4.30 -1.56 -37.49
N SER A 10 3.38 -1.63 -38.45
CA SER A 10 2.01 -2.05 -38.23
C SER A 10 1.37 -2.31 -39.58
N LEU A 11 0.44 -3.27 -39.61
CA LEU A 11 -0.35 -3.51 -40.82
C LEU A 11 -1.63 -4.23 -40.43
N ALA A 12 -2.67 -4.00 -41.24
CA ALA A 12 -3.99 -4.59 -41.04
C ALA A 12 -4.36 -5.38 -42.28
N VAL A 13 -5.00 -6.54 -42.07
CA VAL A 13 -5.43 -7.42 -43.14
C VAL A 13 -6.70 -8.11 -42.70
N SER A 14 -7.51 -8.53 -43.66
CA SER A 14 -8.66 -9.38 -43.36
C SER A 14 -8.19 -10.81 -43.13
N ALA A 15 -8.97 -11.55 -42.34
CA ALA A 15 -8.65 -12.94 -42.09
C ALA A 15 -8.64 -13.73 -43.41
N GLY A 16 -7.74 -14.72 -43.48
CA GLY A 16 -7.52 -15.47 -44.69
C GLY A 16 -6.40 -14.96 -45.57
N GLU A 17 -6.02 -13.69 -45.42
CA GLU A 17 -5.01 -13.10 -46.27
C GLU A 17 -3.60 -13.50 -45.80
N LYS A 18 -2.63 -13.27 -46.66
CA LYS A 18 -1.23 -13.48 -46.31
C LYS A 18 -0.57 -12.17 -45.91
N VAL A 19 0.38 -12.25 -44.99
CA VAL A 19 1.20 -11.11 -44.63
C VAL A 19 2.67 -11.50 -44.67
N THR A 20 3.50 -10.53 -45.05
CA THR A 20 4.95 -10.70 -45.07
CA THR A 20 4.94 -10.68 -45.09
C THR A 20 5.55 -9.62 -44.19
N LEU A 21 6.30 -10.06 -43.17
CA LEU A 21 6.96 -9.18 -42.22
C LEU A 21 8.45 -9.18 -42.52
N SER A 22 9.06 -8.00 -42.54
CA SER A 22 10.47 -7.88 -42.88
C SER A 22 11.33 -7.47 -41.68
N CYS A 23 12.58 -7.94 -41.69
CA CYS A 23 13.53 -7.67 -40.62
C CYS A 23 14.92 -7.63 -41.24
N LYS A 24 15.64 -6.53 -41.01
CA LYS A 24 16.98 -6.34 -41.56
C LYS A 24 17.98 -6.16 -40.43
N SER A 25 19.15 -6.76 -40.57
CA SER A 25 20.19 -6.67 -39.57
C SER A 25 21.34 -5.82 -40.10
N SER A 26 22.03 -5.15 -39.17
CA SER A 26 23.14 -4.29 -39.53
C SER A 26 24.37 -5.08 -39.99
N GLN A 27 24.43 -6.39 -39.72
CA GLN A 27 25.46 -7.21 -40.34
C GLN A 27 24.92 -8.62 -40.50
N SER A 28 25.64 -9.39 -41.32
CA SER A 28 25.25 -10.77 -41.56
C SER A 28 25.12 -11.53 -40.27
N LEU A 29 24.06 -12.33 -40.16
CA LEU A 29 23.82 -13.21 -39.04
C LEU A 29 24.21 -14.66 -39.35
N PHE A 30 24.86 -14.89 -40.50
CA PHE A 30 25.24 -16.22 -40.93
C PHE A 30 26.57 -16.62 -40.29
N ASN A 31 26.57 -17.78 -39.62
CA ASN A 31 27.76 -18.30 -38.95
C ASN A 31 28.41 -19.35 -39.85
N SER A 32 29.63 -19.08 -40.29
CA SER A 32 30.31 -19.96 -41.23
C SER A 32 31.05 -21.11 -40.54
N ARG A 33 30.66 -21.49 -39.33
CA ARG A 33 31.07 -22.72 -38.68
C ARG A 33 29.92 -23.70 -38.47
N THR A 34 28.75 -23.23 -38.01
CA THR A 34 27.57 -24.06 -37.86
C THR A 34 26.65 -24.00 -39.07
N ARG A 35 26.93 -23.09 -40.01
CA ARG A 35 26.14 -22.88 -41.22
C ARG A 35 24.73 -22.38 -40.88
N LYS A 36 24.59 -21.63 -39.80
CA LYS A 36 23.30 -21.16 -39.31
C LYS A 36 23.19 -19.65 -39.47
N ASN A 37 21.98 -19.18 -39.84
CA ASN A 37 21.60 -17.79 -39.66
C ASN A 37 20.94 -17.64 -38.28
N TYR A 38 21.59 -16.92 -37.35
CA TYR A 38 21.06 -16.82 -35.99
C TYR A 38 20.02 -15.69 -35.90
N LEU A 39 18.82 -16.00 -36.40
CA LEU A 39 17.70 -15.07 -36.45
C LEU A 39 16.46 -15.81 -36.00
N ALA A 40 15.70 -15.18 -35.11
CA ALA A 40 14.49 -15.76 -34.55
C ALA A 40 13.33 -14.79 -34.63
N TRP A 41 12.12 -15.35 -34.62
CA TRP A 41 10.86 -14.60 -34.63
C TRP A 41 10.04 -15.01 -33.41
N TYR A 42 9.46 -13.99 -32.76
CA TYR A 42 8.63 -14.13 -31.57
C TYR A 42 7.28 -13.46 -31.81
N GLN A 43 6.26 -14.06 -31.21
CA GLN A 43 4.90 -13.53 -31.19
C GLN A 43 4.60 -13.09 -29.76
N GLN A 44 4.18 -11.83 -29.59
CA GLN A 44 3.80 -11.37 -28.25
C GLN A 44 2.35 -10.90 -28.27
N LYS A 45 1.51 -11.60 -27.54
CA LYS A 45 0.14 -11.16 -27.34
C LYS A 45 0.05 -10.29 -26.09
N PRO A 46 -0.96 -9.41 -26.01
CA PRO A 46 -1.05 -8.47 -24.86
C PRO A 46 -1.12 -9.21 -23.53
N GLY A 47 -0.30 -8.76 -22.58
CA GLY A 47 -0.29 -9.32 -21.24
C GLY A 47 0.40 -10.65 -21.09
N LEU A 48 1.05 -11.18 -22.12
CA LEU A 48 1.75 -12.46 -22.08
C LEU A 48 3.21 -12.25 -22.45
N SER A 49 4.05 -13.19 -22.04
CA SER A 49 5.43 -13.16 -22.48
CA SER A 49 5.44 -13.20 -22.49
C SER A 49 5.51 -13.54 -23.97
N PRO A 50 6.53 -13.06 -24.67
CA PRO A 50 6.68 -13.46 -26.08
C PRO A 50 6.94 -14.95 -26.22
N THR A 51 6.43 -15.54 -27.30
CA THR A 51 6.66 -16.94 -27.61
C THR A 51 7.49 -17.11 -28.87
N LEU A 52 8.44 -18.05 -28.84
CA LEU A 52 9.30 -18.33 -29.98
C LEU A 52 8.53 -19.03 -31.10
N LEU A 53 8.64 -18.47 -32.31
CA LEU A 53 8.03 -19.04 -33.51
C LEU A 53 9.05 -19.78 -34.38
N ILE A 54 10.08 -19.07 -34.82
CA ILE A 54 11.04 -19.54 -35.81
C ILE A 54 12.43 -19.26 -35.27
N TYR A 55 13.35 -20.21 -35.46
CA TYR A 55 14.76 -20.03 -35.13
C TYR A 55 15.61 -20.57 -36.27
N TRP A 56 16.90 -20.19 -36.28
CA TRP A 56 17.79 -20.44 -37.42
C TRP A 56 17.15 -19.97 -38.73
N ALA A 57 16.33 -18.92 -38.61
CA ALA A 57 15.62 -18.16 -39.63
C ALA A 57 14.54 -18.93 -40.39
N SER A 58 14.54 -20.26 -40.37
CA SER A 58 13.54 -21.00 -41.14
C SER A 58 13.04 -22.26 -40.46
N THR A 59 13.55 -22.61 -39.28
CA THR A 59 13.14 -23.82 -38.60
C THR A 59 11.97 -23.47 -37.68
N ARG A 60 10.78 -23.93 -38.05
CA ARG A 60 9.59 -23.69 -37.24
C ARG A 60 9.64 -24.53 -35.97
N LYS A 61 9.48 -23.88 -34.82
CA LYS A 61 9.42 -24.61 -33.56
C LYS A 61 8.30 -25.65 -33.60
N SER A 62 8.56 -26.81 -32.99
CA SER A 62 7.56 -27.85 -32.93
C SER A 62 6.29 -27.35 -32.26
N GLY A 63 5.15 -27.69 -32.84
CA GLY A 63 3.88 -27.25 -32.31
C GLY A 63 3.44 -25.87 -32.76
N VAL A 64 4.23 -25.19 -33.57
CA VAL A 64 3.84 -23.90 -34.14
C VAL A 64 3.04 -24.16 -35.41
N PRO A 65 1.90 -23.50 -35.62
CA PRO A 65 1.08 -23.80 -36.80
C PRO A 65 1.86 -23.60 -38.10
N ASP A 66 1.53 -24.43 -39.10
CA ASP A 66 2.22 -24.46 -40.39
C ASP A 66 2.18 -23.14 -41.13
N ARG A 67 1.17 -22.30 -40.86
CA ARG A 67 0.98 -21.08 -41.62
C ARG A 67 2.09 -20.07 -41.40
N PHE A 68 2.93 -20.28 -40.37
CA PHE A 68 4.06 -19.39 -40.09
C PHE A 68 5.31 -19.95 -40.76
N THR A 69 5.98 -19.13 -41.56
CA THR A 69 7.16 -19.54 -42.30
C THR A 69 8.19 -18.43 -42.25
N GLY A 70 9.39 -18.76 -41.77
CA GLY A 70 10.48 -17.83 -41.80
C GLY A 70 11.36 -18.09 -43.00
N SER A 71 12.07 -17.04 -43.43
CA SER A 71 12.91 -17.13 -44.62
C SER A 71 13.95 -16.04 -44.55
N GLY A 72 15.06 -16.25 -45.27
CA GLY A 72 16.08 -15.23 -45.40
C GLY A 72 17.45 -15.72 -44.99
N SER A 73 18.44 -14.92 -45.34
CA SER A 73 19.84 -15.22 -45.13
C SER A 73 20.61 -13.92 -45.17
N GLY A 74 21.66 -13.84 -44.38
CA GLY A 74 22.53 -12.67 -44.42
C GLY A 74 22.01 -11.54 -43.54
N THR A 75 21.43 -10.54 -44.17
CA THR A 75 20.88 -9.39 -43.45
C THR A 75 19.37 -9.25 -43.56
N ASP A 76 18.69 -9.95 -44.48
CA ASP A 76 17.26 -9.74 -44.72
C ASP A 76 16.47 -11.02 -44.47
N PHE A 77 15.41 -10.89 -43.66
CA PHE A 77 14.65 -12.02 -43.21
C PHE A 77 13.18 -11.67 -43.29
N THR A 78 12.37 -12.71 -43.35
CA THR A 78 10.93 -12.57 -43.54
C THR A 78 10.18 -13.58 -42.72
N LEU A 79 9.11 -13.11 -42.08
CA LEU A 79 8.10 -13.96 -41.49
C LEU A 79 6.86 -13.85 -42.37
N THR A 80 6.41 -15.00 -42.88
CA THR A 80 5.20 -15.07 -43.69
C THR A 80 4.12 -15.82 -42.92
N ILE A 81 2.92 -15.26 -42.87
CA ILE A 81 1.78 -15.96 -42.30
C ILE A 81 0.86 -16.27 -43.47
N THR A 82 0.84 -17.51 -43.93
CA THR A 82 0.24 -17.80 -45.24
C THR A 82 -1.29 -17.69 -45.24
N SER A 83 -1.93 -17.68 -44.09
CA SER A 83 -3.37 -17.39 -44.01
C SER A 83 -3.64 -16.89 -42.61
N VAL A 84 -3.89 -15.59 -42.49
CA VAL A 84 -4.01 -14.95 -41.17
C VAL A 84 -5.29 -15.40 -40.52
N GLN A 85 -5.20 -15.82 -39.26
CA GLN A 85 -6.37 -16.13 -38.44
C GLN A 85 -6.65 -15.00 -37.47
N ALA A 86 -7.88 -14.98 -36.97
CA ALA A 86 -8.28 -13.96 -36.00
C ALA A 86 -7.37 -13.99 -34.78
N GLU A 87 -6.95 -15.17 -34.35
CA GLU A 87 -6.13 -15.29 -33.15
C GLU A 87 -4.68 -14.88 -33.38
N ASP A 88 -4.28 -14.54 -34.60
CA ASP A 88 -2.90 -14.17 -34.89
C ASP A 88 -2.57 -12.70 -34.60
N LEU A 89 -3.53 -11.90 -34.14
CA LEU A 89 -3.22 -10.52 -33.77
C LEU A 89 -2.22 -10.50 -32.62
N ALA A 90 -1.18 -9.67 -32.76
CA ALA A 90 -0.02 -9.70 -31.88
C ALA A 90 0.98 -8.66 -32.38
N VAL A 91 2.03 -8.43 -31.61
CA VAL A 91 3.24 -7.79 -32.12
C VAL A 91 4.25 -8.90 -32.36
N TYR A 92 4.83 -8.90 -33.55
CA TYR A 92 5.82 -9.88 -33.95
C TYR A 92 7.18 -9.21 -33.89
N TYR A 93 8.13 -9.85 -33.19
CA TYR A 93 9.48 -9.33 -33.07
C TYR A 93 10.48 -10.30 -33.68
N CYS A 94 11.47 -9.77 -34.38
CA CYS A 94 12.65 -10.55 -34.74
C CYS A 94 13.76 -10.32 -33.71
N LYS A 95 14.69 -11.27 -33.62
CA LYS A 95 15.74 -11.19 -32.61
C LYS A 95 16.98 -11.88 -33.15
N GLN A 96 18.08 -11.14 -33.26
CA GLN A 96 19.33 -11.75 -33.71
C GLN A 96 20.05 -12.35 -32.50
N SER A 97 20.73 -13.47 -32.70
CA SER A 97 21.49 -14.16 -31.67
CA SER A 97 21.53 -14.07 -31.63
C SER A 97 22.93 -14.40 -32.12
N TYR A 98 23.41 -13.66 -33.13
CA TYR A 98 24.72 -13.92 -33.74
C TYR A 98 25.87 -13.39 -32.87
N TYR A 99 25.84 -12.10 -32.50
CA TYR A 99 26.72 -11.55 -31.45
C TYR A 99 25.86 -10.70 -30.49
N LEU A 100 25.18 -11.33 -29.57
CA LEU A 100 24.74 -10.72 -28.31
C LEU A 100 23.30 -11.07 -28.57
N ARG A 101 22.36 -10.37 -27.99
CA ARG A 101 21.00 -10.40 -28.50
C ARG A 101 20.53 -8.99 -28.86
N THR A 102 19.73 -8.89 -29.92
CA THR A 102 19.05 -7.63 -30.25
C THR A 102 17.67 -7.94 -30.84
N PHE A 103 16.66 -7.28 -30.31
CA PHE A 103 15.30 -7.38 -30.81
C PHE A 103 15.03 -6.26 -31.82
N GLY A 104 14.27 -6.58 -32.87
CA GLY A 104 13.73 -5.57 -33.74
C GLY A 104 12.68 -4.74 -33.01
N GLY A 105 12.19 -3.70 -33.71
CA GLY A 105 11.21 -2.82 -33.10
C GLY A 105 9.77 -3.33 -33.12
N GLY A 106 9.52 -4.41 -33.84
CA GLY A 106 8.25 -5.14 -33.84
C GLY A 106 7.31 -4.69 -34.93
N THR A 107 6.44 -5.61 -35.34
CA THR A 107 5.34 -5.29 -36.24
C THR A 107 4.04 -5.67 -35.55
N LYS A 108 3.15 -4.70 -35.40
CA LYS A 108 1.85 -4.94 -34.80
C LYS A 108 0.89 -5.38 -35.91
N LEU A 109 0.34 -6.58 -35.78
CA LEU A 109 -0.57 -7.13 -36.79
C LEU A 109 -2.00 -6.98 -36.28
N GLU A 110 -2.78 -6.21 -37.02
CA GLU A 110 -4.18 -5.92 -36.73
C GLU A 110 -5.06 -6.55 -37.82
N ILE A 111 -6.34 -6.74 -37.52
CA ILE A 111 -7.23 -7.43 -38.43
C ILE A 111 -8.36 -6.50 -38.84
N LYS A 112 -8.67 -6.49 -40.14
CA LYS A 112 -9.82 -5.78 -40.69
C LYS A 112 -11.02 -6.73 -40.76
N ARG A 113 -12.20 -6.18 -40.52
CA ARG A 113 -13.44 -6.95 -40.55
C ARG A 113 -14.59 -5.99 -40.88
N ALA A 114 -15.79 -6.53 -41.00
CA ALA A 114 -16.93 -5.68 -41.33
C ALA A 114 -17.30 -4.78 -40.15
N ASP A 115 -17.98 -3.67 -40.44
CA ASP A 115 -18.38 -2.79 -39.36
C ASP A 115 -19.41 -3.47 -38.47
N ALA A 116 -19.43 -3.05 -37.20
CA ALA A 116 -20.39 -3.56 -36.22
C ALA A 116 -20.69 -2.47 -35.20
N ALA A 117 -21.99 -2.34 -34.85
CA ALA A 117 -22.37 -1.31 -33.90
C ALA A 117 -22.03 -1.76 -32.48
N PRO A 118 -21.81 -0.81 -31.57
CA PRO A 118 -21.56 -1.20 -30.17
C PRO A 118 -22.84 -1.62 -29.47
N THR A 119 -22.70 -2.54 -28.52
CA THR A 119 -23.74 -2.79 -27.53
C THR A 119 -23.37 -2.03 -26.26
N VAL A 120 -24.28 -1.17 -25.80
CA VAL A 120 -24.04 -0.25 -24.70
C VAL A 120 -24.75 -0.77 -23.46
N SER A 121 -24.05 -0.81 -22.33
CA SER A 121 -24.57 -1.19 -21.01
C SER A 121 -24.14 -0.14 -20.00
N ILE A 122 -25.08 0.35 -19.14
CA ILE A 122 -24.78 1.34 -18.10
C ILE A 122 -24.97 0.74 -16.70
N PHE A 123 -24.10 1.16 -15.78
CA PHE A 123 -24.02 0.61 -14.43
C PHE A 123 -23.99 1.74 -13.40
N PRO A 124 -25.03 1.88 -12.58
CA PRO A 124 -24.99 2.81 -11.46
C PRO A 124 -23.90 2.39 -10.48
N PRO A 125 -23.50 3.28 -9.58
CA PRO A 125 -22.58 2.88 -8.51
C PRO A 125 -23.11 1.64 -7.79
N SER A 126 -22.19 0.76 -7.42
CA SER A 126 -22.58 -0.38 -6.61
C SER A 126 -22.92 0.11 -5.20
N SER A 127 -23.80 -0.64 -4.52
CA SER A 127 -24.10 -0.22 -3.15
C SER A 127 -22.86 -0.32 -2.28
N GLU A 128 -21.96 -1.27 -2.58
CA GLU A 128 -20.69 -1.32 -1.89
C GLU A 128 -19.90 -0.02 -2.04
N GLN A 129 -19.78 0.49 -3.28
CA GLN A 129 -19.04 1.73 -3.48
C GLN A 129 -19.67 2.89 -2.72
N LEU A 130 -21.00 2.99 -2.73
CA LEU A 130 -21.67 4.10 -2.07
C LEU A 130 -21.44 4.03 -0.56
N THR A 131 -21.54 2.83 0.02
CA THR A 131 -21.29 2.72 1.45
C THR A 131 -19.88 3.13 1.79
N SER A 132 -18.93 2.89 0.87
CA SER A 132 -17.56 3.38 1.06
C SER A 132 -17.41 4.87 0.77
N GLY A 133 -18.47 5.56 0.30
CA GLY A 133 -18.42 7.01 0.14
C GLY A 133 -18.03 7.55 -1.22
N GLY A 134 -17.97 6.70 -2.25
CA GLY A 134 -17.67 7.12 -3.60
C GLY A 134 -18.76 6.66 -4.55
N ALA A 135 -18.64 7.10 -5.81
CA ALA A 135 -19.69 6.85 -6.78
C ALA A 135 -19.13 6.94 -8.18
N SER A 136 -19.01 5.81 -8.86
CA SER A 136 -18.57 5.75 -10.24
C SER A 136 -19.71 5.22 -11.08
N VAL A 137 -20.00 5.90 -12.19
CA VAL A 137 -20.97 5.42 -13.16
C VAL A 137 -20.19 4.87 -14.36
N VAL A 138 -20.51 3.63 -14.76
CA VAL A 138 -19.73 2.93 -15.77
C VAL A 138 -20.61 2.62 -16.98
N CYS A 139 -20.06 2.86 -18.16
CA CYS A 139 -20.67 2.53 -19.43
CA CYS A 139 -20.70 2.47 -19.40
C CYS A 139 -19.71 1.65 -20.23
N PHE A 140 -20.17 0.48 -20.67
CA PHE A 140 -19.38 -0.37 -21.57
C PHE A 140 -19.96 -0.21 -22.96
N LEU A 141 -19.10 -0.01 -23.95
CA LEU A 141 -19.47 0.05 -25.36
C LEU A 141 -18.75 -1.13 -26.00
N ASN A 142 -19.48 -2.21 -26.26
CA ASN A 142 -18.83 -3.50 -26.50
C ASN A 142 -18.97 -3.97 -27.94
N ASN A 143 -17.90 -4.65 -28.41
CA ASN A 143 -17.89 -5.41 -29.67
C ASN A 143 -18.27 -4.55 -30.88
N PHE A 144 -17.60 -3.41 -31.03
CA PHE A 144 -17.86 -2.56 -32.19
C PHE A 144 -16.63 -2.51 -33.12
N TYR A 145 -16.85 -2.01 -34.33
CA TYR A 145 -15.78 -1.85 -35.32
C TYR A 145 -16.20 -0.86 -36.41
N PRO A 146 -15.30 0.08 -36.78
CA PRO A 146 -13.91 0.24 -36.36
C PRO A 146 -13.73 0.79 -34.94
N LYS A 147 -12.46 1.06 -34.59
CA LYS A 147 -12.09 1.41 -33.21
C LYS A 147 -12.51 2.81 -32.83
N ASP A 148 -12.62 3.72 -33.80
CA ASP A 148 -13.03 5.08 -33.49
C ASP A 148 -14.45 5.09 -32.94
N ILE A 149 -14.65 5.83 -31.86
CA ILE A 149 -15.96 5.95 -31.24
C ILE A 149 -15.94 7.12 -30.27
N ASN A 150 -17.11 7.69 -30.01
CA ASN A 150 -17.22 8.84 -29.13
C ASN A 150 -18.29 8.57 -28.08
N VAL A 151 -18.02 9.01 -26.85
CA VAL A 151 -18.96 8.89 -25.75
C VAL A 151 -19.24 10.27 -25.16
N LYS A 152 -20.51 10.53 -24.90
CA LYS A 152 -20.97 11.74 -24.23
C LYS A 152 -21.72 11.35 -22.96
N TRP A 153 -21.35 11.94 -21.83
CA TRP A 153 -22.15 11.79 -20.62
C TRP A 153 -23.08 12.99 -20.50
N LYS A 154 -24.30 12.74 -20.03
CA LYS A 154 -25.19 13.80 -19.63
C LYS A 154 -25.68 13.55 -18.23
N ILE A 155 -25.72 14.59 -17.42
CA ILE A 155 -26.24 14.53 -16.05
C ILE A 155 -27.42 15.48 -15.99
N ASP A 156 -28.59 14.97 -15.64
CA ASP A 156 -29.83 15.79 -15.62
C ASP A 156 -29.98 16.55 -16.94
N GLY A 157 -29.62 15.88 -18.04
CA GLY A 157 -29.91 16.41 -19.35
C GLY A 157 -28.85 17.33 -19.92
N SER A 158 -27.72 17.51 -19.23
CA SER A 158 -26.72 18.50 -19.62
C SER A 158 -25.36 17.85 -19.65
N GLU A 159 -24.57 18.24 -20.67
CA GLU A 159 -23.35 17.53 -20.97
C GLU A 159 -22.37 17.63 -19.81
N ARG A 160 -21.68 16.54 -19.54
CA ARG A 160 -20.72 16.43 -18.46
C ARG A 160 -19.40 15.96 -19.05
N GLN A 161 -18.37 16.78 -18.95
CA GLN A 161 -17.05 16.44 -19.48
C GLN A 161 -16.03 16.11 -18.40
N ASN A 162 -16.10 16.78 -17.25
CA ASN A 162 -15.18 16.53 -16.14
C ASN A 162 -15.40 15.15 -15.54
N GLY A 163 -14.31 14.48 -15.19
CA GLY A 163 -14.43 13.26 -14.42
C GLY A 163 -14.64 12.00 -15.23
N VAL A 164 -14.47 12.04 -16.55
CA VAL A 164 -14.65 10.87 -17.41
C VAL A 164 -13.29 10.31 -17.79
N LEU A 165 -13.12 9.00 -17.59
CA LEU A 165 -11.94 8.26 -18.06
C LEU A 165 -12.36 7.14 -19.01
N ASN A 166 -11.74 7.11 -20.18
CA ASN A 166 -12.05 6.14 -21.24
C ASN A 166 -10.91 5.16 -21.44
N SER A 167 -11.25 3.93 -21.82
CA SER A 167 -10.24 2.88 -21.96
C SER A 167 -10.67 1.84 -23.00
N TRP A 168 -9.87 1.71 -24.06
CA TRP A 168 -10.12 0.78 -25.17
C TRP A 168 -9.41 -0.55 -24.92
N THR A 169 -10.13 -1.66 -25.11
CA THR A 169 -9.49 -2.98 -25.17
C THR A 169 -8.54 -3.11 -26.36
N ASP A 170 -7.60 -4.05 -26.24
CA ASP A 170 -6.95 -4.58 -27.42
C ASP A 170 -7.99 -5.29 -28.28
N GLN A 171 -7.76 -5.32 -29.58
CA GLN A 171 -8.65 -5.97 -30.52
C GLN A 171 -8.90 -7.42 -30.13
N ASP A 172 -10.19 -7.82 -30.16
CA ASP A 172 -10.59 -9.15 -29.69
C ASP A 172 -10.00 -10.26 -30.55
N SER A 173 -9.35 -11.23 -29.89
CA SER A 173 -8.69 -12.29 -30.63
C SER A 173 -9.68 -13.25 -31.29
N LYS A 174 -10.97 -13.18 -30.95
CA LYS A 174 -11.95 -14.10 -31.50
C LYS A 174 -12.82 -13.50 -32.60
N ASP A 175 -13.36 -12.29 -32.42
CA ASP A 175 -14.20 -11.68 -33.43
C ASP A 175 -13.63 -10.40 -34.03
N SER A 176 -12.44 -9.98 -33.60
CA SER A 176 -11.71 -8.85 -34.16
C SER A 176 -12.37 -7.49 -33.91
N THR A 177 -13.32 -7.40 -32.97
CA THR A 177 -13.92 -6.11 -32.65
C THR A 177 -13.11 -5.40 -31.57
N TYR A 178 -13.53 -4.19 -31.23
CA TYR A 178 -13.04 -3.45 -30.07
C TYR A 178 -14.16 -3.26 -29.06
N SER A 179 -13.76 -2.95 -27.82
CA SER A 179 -14.70 -2.50 -26.81
C SER A 179 -14.05 -1.36 -26.05
N MET A 180 -14.88 -0.57 -25.37
CA MET A 180 -14.39 0.60 -24.64
CA MET A 180 -14.36 0.57 -24.60
C MET A 180 -15.22 0.79 -23.38
N SER A 181 -14.56 1.08 -22.26
CA SER A 181 -15.24 1.43 -21.02
C SER A 181 -15.12 2.94 -20.83
N SER A 182 -16.21 3.56 -20.37
CA SER A 182 -16.23 4.97 -20.01
C SER A 182 -16.78 5.07 -18.60
N THR A 183 -15.99 5.66 -17.70
CA THR A 183 -16.29 5.73 -16.26
C THR A 183 -16.35 7.18 -15.84
N LEU A 184 -17.51 7.60 -15.36
CA LEU A 184 -17.69 8.92 -14.77
C LEU A 184 -17.51 8.81 -13.26
N THR A 185 -16.51 9.49 -12.72
CA THR A 185 -16.21 9.40 -11.28
C THR A 185 -16.63 10.68 -10.56
N LEU A 186 -17.51 10.52 -9.57
CA LEU A 186 -18.06 11.59 -8.77
C LEU A 186 -17.75 11.27 -7.31
N THR A 187 -17.87 12.28 -6.44
CA THR A 187 -18.03 11.94 -5.04
C THR A 187 -19.44 11.45 -4.83
N LYS A 188 -19.65 10.76 -3.70
CA LYS A 188 -21.01 10.34 -3.36
C LYS A 188 -21.92 11.55 -3.15
N ASP A 189 -21.40 12.61 -2.52
CA ASP A 189 -22.20 13.83 -2.38
C ASP A 189 -22.67 14.35 -3.74
N GLU A 190 -21.75 14.38 -4.72
CA GLU A 190 -22.11 14.91 -6.03
C GLU A 190 -23.10 13.98 -6.71
N TYR A 191 -22.86 12.67 -6.63
CA TYR A 191 -23.80 11.73 -7.20
C TYR A 191 -25.21 11.94 -6.67
N GLU A 192 -25.33 12.22 -5.37
CA GLU A 192 -26.66 12.32 -4.78
C GLU A 192 -27.34 13.65 -5.05
N ARG A 193 -26.62 14.64 -5.63
CA ARG A 193 -27.21 15.93 -6.01
CA ARG A 193 -27.23 15.91 -6.01
C ARG A 193 -27.99 15.88 -7.33
N HIS A 194 -27.86 14.82 -8.10
CA HIS A 194 -28.39 14.77 -9.45
C HIS A 194 -29.22 13.52 -9.59
N ASN A 195 -30.09 13.49 -10.60
CA ASN A 195 -30.96 12.31 -10.72
C ASN A 195 -30.67 11.49 -11.96
N SER A 196 -30.60 12.08 -13.15
CA SER A 196 -30.47 11.26 -14.35
C SER A 196 -29.05 11.24 -14.86
N TYR A 197 -28.61 10.04 -15.22
CA TYR A 197 -27.25 9.79 -15.72
C TYR A 197 -27.35 9.05 -17.03
N THR A 198 -26.71 9.59 -18.06
CA THR A 198 -26.89 9.16 -19.44
C THR A 198 -25.54 9.03 -20.11
N CYS A 199 -25.32 7.91 -20.80
CA CYS A 199 -24.14 7.68 -21.63
CA CYS A 199 -24.15 7.78 -21.66
C CYS A 199 -24.60 7.52 -23.09
N GLU A 200 -24.02 8.32 -23.99
CA GLU A 200 -24.38 8.36 -25.40
C GLU A 200 -23.19 7.94 -26.25
N ALA A 201 -23.35 6.87 -27.03
CA ALA A 201 -22.30 6.34 -27.87
C ALA A 201 -22.57 6.73 -29.32
N THR A 202 -21.66 7.46 -29.95
CA THR A 202 -21.73 7.77 -31.38
C THR A 202 -20.64 7.01 -32.15
N HIS A 203 -21.06 6.20 -33.12
CA HIS A 203 -20.19 5.34 -33.91
C HIS A 203 -20.59 5.47 -35.37
N LYS A 204 -19.63 5.20 -36.27
CA LYS A 204 -19.86 5.42 -37.70
C LYS A 204 -20.92 4.50 -38.29
N THR A 205 -21.32 3.44 -37.58
CA THR A 205 -22.37 2.55 -38.04
C THR A 205 -23.78 3.15 -37.98
N SER A 206 -23.98 4.30 -37.34
CA SER A 206 -25.31 4.91 -37.33
C SER A 206 -25.19 6.40 -37.04
N THR A 207 -26.10 7.17 -37.65
CA THR A 207 -26.15 8.60 -37.39
C THR A 207 -26.75 8.89 -36.02
N SER A 208 -27.69 8.06 -35.61
CA SER A 208 -28.31 8.17 -34.30
C SER A 208 -27.41 7.57 -33.23
N PRO A 209 -27.11 8.29 -32.15
CA PRO A 209 -26.33 7.70 -31.05
C PRO A 209 -27.13 6.61 -30.36
N ILE A 210 -26.41 5.72 -29.70
CA ILE A 210 -26.98 4.68 -28.86
C ILE A 210 -26.92 5.19 -27.43
N VAL A 211 -28.08 5.28 -26.78
CA VAL A 211 -28.22 5.98 -25.51
C VAL A 211 -28.64 4.97 -24.45
N LYS A 212 -27.96 4.99 -23.32
CA LYS A 212 -28.42 4.30 -22.13
C LYS A 212 -28.50 5.30 -20.99
N SER A 213 -29.54 5.18 -20.15
CA SER A 213 -29.77 6.13 -19.09
CA SER A 213 -29.80 6.13 -19.09
C SER A 213 -30.39 5.42 -17.88
N PHE A 214 -30.20 6.00 -16.70
CA PHE A 214 -30.93 5.58 -15.53
C PHE A 214 -31.14 6.79 -14.63
N ASN A 215 -32.09 6.65 -13.70
CA ASN A 215 -32.35 7.67 -12.69
C ASN A 215 -31.95 7.13 -11.33
N ARG A 216 -31.14 7.91 -10.60
CA ARG A 216 -30.68 7.48 -9.28
C ARG A 216 -31.83 7.11 -8.37
N ASN A 217 -32.86 7.94 -8.31
CA ASN A 217 -33.86 7.62 -7.28
C ASN A 217 -34.86 6.56 -7.75
N GLU A 218 -34.57 5.86 -8.85
CA GLU A 218 -35.32 4.65 -9.22
C GLU A 218 -34.56 3.36 -8.92
N CYS A 219 -33.41 3.47 -8.26
CA CYS A 219 -32.71 2.30 -7.70
C CYS A 219 -33.50 1.71 -6.51
N GLU B 1 8.91 -29.99 -15.56
CA GLU B 1 8.36 -28.85 -16.26
C GLU B 1 9.18 -27.59 -15.89
N VAL B 2 9.79 -26.95 -16.90
CA VAL B 2 10.67 -25.82 -16.65
C VAL B 2 9.84 -24.60 -16.25
N GLN B 3 10.23 -23.96 -15.15
CA GLN B 3 9.50 -22.79 -14.67
C GLN B 3 10.47 -21.72 -14.20
N LEU B 4 10.17 -20.45 -14.56
CA LEU B 4 10.91 -19.29 -14.09
C LEU B 4 9.96 -18.39 -13.30
N GLN B 5 10.25 -18.19 -12.01
CA GLN B 5 9.33 -17.46 -11.12
C GLN B 5 9.88 -16.07 -10.80
N GLN B 6 9.14 -15.03 -11.24
CA GLN B 6 9.42 -13.64 -10.92
C GLN B 6 8.28 -13.01 -10.13
N SER B 7 8.62 -12.08 -9.24
CA SER B 7 7.56 -11.37 -8.52
C SER B 7 6.74 -10.49 -9.47
N GLY B 8 5.47 -10.31 -9.12
CA GLY B 8 4.55 -9.58 -9.99
C GLY B 8 4.90 -8.10 -10.11
N ALA B 9 5.30 -7.49 -9.02
CA ALA B 9 5.48 -6.05 -8.99
C ALA B 9 6.50 -5.66 -7.94
N GLU B 10 7.32 -4.65 -8.27
CA GLU B 10 8.17 -3.99 -7.28
C GLU B 10 7.92 -2.48 -7.35
N LEU B 11 7.79 -1.83 -6.20
CA LEU B 11 7.67 -0.39 -6.14
C LEU B 11 8.87 0.13 -5.36
N VAL B 12 9.66 1.01 -5.99
CA VAL B 12 10.85 1.57 -5.37
C VAL B 12 10.96 3.07 -5.69
N ARG B 13 11.64 3.81 -4.80
CA ARG B 13 11.76 5.25 -4.92
C ARG B 13 12.77 5.65 -6.00
N PRO B 14 12.59 6.82 -6.62
CA PRO B 14 13.60 7.31 -7.56
C PRO B 14 14.93 7.58 -6.85
N GLY B 15 16.02 7.20 -7.52
CA GLY B 15 17.34 7.31 -6.96
C GLY B 15 17.83 6.09 -6.25
N ALA B 16 16.92 5.20 -5.82
CA ALA B 16 17.33 3.97 -5.14
C ALA B 16 17.73 2.90 -6.17
N SER B 17 18.02 1.71 -5.66
CA SER B 17 18.29 0.55 -6.51
C SER B 17 17.37 -0.60 -6.11
N VAL B 18 17.32 -1.63 -6.95
CA VAL B 18 16.47 -2.80 -6.70
C VAL B 18 17.15 -4.04 -7.28
N LYS B 19 17.00 -5.17 -6.59
CA LYS B 19 17.54 -6.44 -7.05
C LYS B 19 16.34 -7.34 -7.36
N LEU B 20 16.07 -7.51 -8.66
CA LEU B 20 14.99 -8.39 -9.12
C LEU B 20 15.49 -9.82 -9.12
N SER B 21 14.59 -10.76 -8.80
CA SER B 21 15.02 -12.14 -8.72
C SER B 21 14.20 -13.01 -9.66
N CYS B 22 14.78 -14.14 -10.04
CA CYS B 22 14.20 -15.02 -11.05
C CYS B 22 14.55 -16.45 -10.60
N LYS B 23 13.60 -17.12 -9.97
CA LYS B 23 13.88 -18.46 -9.44
C LYS B 23 13.59 -19.52 -10.50
N ALA B 24 14.62 -20.25 -10.91
CA ALA B 24 14.52 -21.24 -11.97
C ALA B 24 14.30 -22.63 -11.37
N SER B 25 13.54 -23.46 -12.07
CA SER B 25 13.33 -24.85 -11.66
C SER B 25 13.04 -25.71 -12.88
N GLY B 26 13.23 -27.02 -12.69
CA GLY B 26 12.89 -28.00 -13.71
C GLY B 26 14.00 -28.37 -14.67
N TYR B 27 15.22 -27.83 -14.50
CA TYR B 27 16.34 -28.14 -15.36
C TYR B 27 17.63 -27.96 -14.56
N THR B 28 18.74 -28.42 -15.12
CA THR B 28 20.03 -28.25 -14.46
C THR B 28 20.47 -26.80 -14.61
N PHE B 29 20.52 -26.07 -13.49
CA PHE B 29 20.56 -24.62 -13.52
C PHE B 29 21.76 -24.09 -14.30
N THR B 30 22.93 -24.72 -14.14
CA THR B 30 24.12 -24.22 -14.80
C THR B 30 24.17 -24.52 -16.29
N ASP B 31 23.24 -25.33 -16.84
CA ASP B 31 23.34 -25.67 -18.25
C ASP B 31 22.92 -24.51 -19.16
N TYR B 32 22.00 -23.64 -18.72
CA TYR B 32 21.34 -22.66 -19.59
C TYR B 32 21.77 -21.24 -19.25
N GLU B 33 22.08 -20.44 -20.28
CA GLU B 33 22.30 -19.01 -20.09
C GLU B 33 21.01 -18.33 -19.64
N MET B 34 21.12 -17.31 -18.79
CA MET B 34 19.95 -16.56 -18.35
C MET B 34 20.04 -15.14 -18.86
N HIS B 35 18.98 -14.68 -19.51
CA HIS B 35 18.92 -13.40 -20.18
C HIS B 35 17.88 -12.53 -19.49
N TRP B 36 18.04 -11.22 -19.60
CA TRP B 36 17.03 -10.33 -19.06
C TRP B 36 16.60 -9.39 -20.17
N VAL B 37 15.31 -9.08 -20.20
CA VAL B 37 14.73 -8.26 -21.26
C VAL B 37 13.80 -7.24 -20.60
N LYS B 38 13.89 -5.99 -21.07
CA LYS B 38 13.02 -4.90 -20.64
C LYS B 38 11.93 -4.65 -21.68
N GLN B 39 10.69 -4.43 -21.22
CA GLN B 39 9.58 -4.10 -22.10
C GLN B 39 8.95 -2.80 -21.66
N THR B 40 8.86 -1.86 -22.59
CA THR B 40 8.15 -0.62 -22.40
C THR B 40 7.29 -0.35 -23.62
N PRO B 41 6.25 0.47 -23.50
CA PRO B 41 5.50 0.87 -24.69
C PRO B 41 6.35 1.65 -25.69
N VAL B 42 7.35 2.41 -25.23
CA VAL B 42 8.10 3.29 -26.11
C VAL B 42 9.14 2.51 -26.91
N HIS B 43 9.84 1.56 -26.27
CA HIS B 43 10.97 0.87 -26.90
C HIS B 43 10.70 -0.59 -27.21
N GLY B 44 9.51 -1.09 -26.96
CA GLY B 44 9.26 -2.51 -27.16
C GLY B 44 10.15 -3.34 -26.27
N LEU B 45 10.71 -4.40 -26.83
CA LEU B 45 11.60 -5.29 -26.09
C LEU B 45 13.03 -4.82 -26.28
N GLU B 46 13.77 -4.72 -25.17
CA GLU B 46 15.19 -4.38 -25.19
C GLU B 46 15.94 -5.46 -24.43
N TRP B 47 16.92 -6.09 -25.09
CA TRP B 47 17.79 -7.01 -24.37
C TRP B 47 18.68 -6.22 -23.42
N ILE B 48 18.82 -6.71 -22.18
CA ILE B 48 19.63 -6.05 -21.16
C ILE B 48 21.01 -6.70 -21.05
N GLY B 49 21.01 -8.01 -20.84
CA GLY B 49 22.25 -8.75 -20.80
C GLY B 49 21.97 -10.20 -20.48
N ALA B 50 23.05 -10.96 -20.28
CA ALA B 50 22.91 -12.37 -19.96
C ALA B 50 24.07 -12.79 -19.06
N ILE B 51 23.80 -13.80 -18.21
CA ILE B 51 24.82 -14.41 -17.36
C ILE B 51 24.89 -15.91 -17.66
N ASP B 52 26.12 -16.42 -17.73
CA ASP B 52 26.38 -17.86 -17.79
C ASP B 52 26.54 -18.35 -16.35
N PRO B 53 25.54 -19.04 -15.77
CA PRO B 53 25.65 -19.44 -14.36
C PRO B 53 26.84 -20.32 -14.07
N GLU B 54 27.31 -21.08 -15.08
CA GLU B 54 28.47 -21.95 -14.87
C GLU B 54 29.70 -21.15 -14.51
N THR B 55 29.99 -20.10 -15.30
CA THR B 55 31.22 -19.34 -15.17
C THR B 55 31.03 -18.00 -14.46
N GLY B 56 29.79 -17.56 -14.23
CA GLY B 56 29.57 -16.21 -13.78
C GLY B 56 29.79 -15.15 -14.84
N GLY B 57 30.21 -15.52 -16.03
CA GLY B 57 30.45 -14.54 -17.07
C GLY B 57 29.16 -13.86 -17.50
N THR B 58 29.28 -12.58 -17.83
CA THR B 58 28.13 -11.76 -18.18
C THR B 58 28.44 -11.01 -19.47
N VAL B 59 27.39 -10.47 -20.09
CA VAL B 59 27.56 -9.55 -21.19
C VAL B 59 26.33 -8.67 -21.20
N TYR B 60 26.48 -7.44 -21.75
CA TYR B 60 25.44 -6.42 -21.61
C TYR B 60 25.18 -5.65 -22.91
N ASN B 61 23.92 -5.29 -23.11
CA ASN B 61 23.58 -4.22 -24.04
C ASN B 61 24.31 -2.95 -23.63
N GLN B 62 24.99 -2.32 -24.59
CA GLN B 62 25.71 -1.08 -24.30
C GLN B 62 24.85 -0.08 -23.54
N LYS B 63 23.56 0.00 -23.90
CA LYS B 63 22.64 0.96 -23.27
C LYS B 63 22.54 0.75 -21.76
N PHE B 64 22.65 -0.49 -21.29
CA PHE B 64 22.44 -0.79 -19.88
C PHE B 64 23.72 -1.05 -19.09
N LYS B 65 24.90 -0.94 -19.71
CA LYS B 65 26.11 -1.09 -18.92
C LYS B 65 26.18 0.05 -17.88
N GLY B 66 26.36 -0.32 -16.61
CA GLY B 66 26.35 0.70 -15.58
C GLY B 66 24.98 1.10 -15.06
N LYS B 67 23.91 0.56 -15.64
CA LYS B 67 22.58 0.57 -15.05
C LYS B 67 22.26 -0.75 -14.37
N ALA B 68 22.57 -1.86 -15.04
CA ALA B 68 22.20 -3.21 -14.63
C ALA B 68 23.45 -4.02 -14.29
N THR B 69 23.29 -4.94 -13.32
CA THR B 69 24.32 -5.90 -12.97
C THR B 69 23.66 -7.25 -12.80
N LEU B 70 24.11 -8.25 -13.55
CA LEU B 70 23.51 -9.59 -13.50
C LEU B 70 24.36 -10.50 -12.62
N THR B 71 23.72 -11.24 -11.71
CA THR B 71 24.39 -12.26 -10.90
C THR B 71 23.52 -13.51 -10.86
N ALA B 72 24.05 -14.58 -10.26
CA ALA B 72 23.31 -15.83 -10.12
C ALA B 72 23.84 -16.63 -8.92
N ASP B 73 22.92 -17.27 -8.21
CA ASP B 73 23.25 -18.16 -7.11
C ASP B 73 22.87 -19.58 -7.51
N ILE B 74 23.91 -20.41 -7.69
CA ILE B 74 23.70 -21.74 -8.24
C ILE B 74 22.95 -22.64 -7.27
N SER B 75 23.27 -22.58 -5.98
CA SER B 75 22.65 -23.51 -5.04
C SER B 75 21.16 -23.25 -4.88
N SER B 76 20.73 -21.99 -4.99
CA SER B 76 19.32 -21.65 -4.93
C SER B 76 18.70 -21.49 -6.31
N THR B 77 19.45 -21.86 -7.36
CA THR B 77 19.03 -21.76 -8.78
C THR B 77 18.25 -20.48 -9.05
N THR B 78 18.82 -19.35 -8.63
CA THR B 78 18.14 -18.06 -8.74
C THR B 78 19.05 -17.08 -9.47
N ALA B 79 18.52 -16.38 -10.47
CA ALA B 79 19.27 -15.34 -11.13
C ALA B 79 18.77 -14.00 -10.63
N TYR B 80 19.68 -13.04 -10.52
CA TYR B 80 19.34 -11.71 -10.02
C TYR B 80 19.77 -10.65 -11.01
N MET B 81 19.00 -9.55 -11.06
CA MET B 81 19.41 -8.37 -11.80
C MET B 81 19.25 -7.13 -10.93
N GLU B 82 20.37 -6.46 -10.63
CA GLU B 82 20.35 -5.22 -9.86
C GLU B 82 20.33 -4.00 -10.80
N LEU B 83 19.35 -3.13 -10.60
CA LEU B 83 19.25 -1.85 -11.31
C LEU B 83 19.49 -0.71 -10.33
N ARG B 84 20.33 0.25 -10.72
CA ARG B 84 20.79 1.30 -9.81
C ARG B 84 20.36 2.66 -10.33
N SER B 85 20.37 3.65 -9.41
CA SER B 85 20.04 5.04 -9.72
C SER B 85 18.74 5.18 -10.52
N LEU B 86 17.68 4.59 -10.00
CA LEU B 86 16.44 4.43 -10.75
C LEU B 86 15.78 5.78 -11.08
N THR B 87 15.24 5.87 -12.30
CA THR B 87 14.42 6.99 -12.75
C THR B 87 13.10 6.43 -13.27
N SER B 88 12.20 7.35 -13.64
CA SER B 88 10.96 6.91 -14.30
C SER B 88 11.26 6.17 -15.59
N GLU B 89 12.40 6.47 -16.22
CA GLU B 89 12.84 5.77 -17.41
C GLU B 89 13.04 4.27 -17.17
N ASP B 90 13.24 3.87 -15.92
CA ASP B 90 13.42 2.46 -15.62
C ASP B 90 12.11 1.73 -15.28
N SER B 91 11.01 2.45 -15.09
CA SER B 91 9.72 1.79 -14.90
C SER B 91 9.38 0.97 -16.14
N ALA B 92 9.09 -0.31 -15.96
CA ALA B 92 9.05 -1.18 -17.13
C ALA B 92 8.64 -2.55 -16.64
N VAL B 93 8.35 -3.45 -17.58
CA VAL B 93 8.23 -4.87 -17.25
C VAL B 93 9.58 -5.51 -17.57
N TYR B 94 10.08 -6.32 -16.64
CA TYR B 94 11.37 -6.98 -16.78
C TYR B 94 11.17 -8.49 -16.77
N PHE B 95 11.57 -9.16 -17.85
CA PHE B 95 11.53 -10.61 -18.00
C PHE B 95 12.91 -11.23 -17.78
N CYS B 96 12.93 -12.41 -17.18
CA CYS B 96 14.09 -13.29 -17.33
C CYS B 96 13.73 -14.40 -18.31
N ILE B 97 14.76 -14.91 -18.99
CA ILE B 97 14.61 -15.92 -20.03
C ILE B 97 15.77 -16.89 -19.91
N SER B 98 15.45 -18.17 -19.79
CA SER B 98 16.45 -19.25 -19.82
C SER B 98 16.48 -19.86 -21.22
N GLU B 99 17.68 -19.91 -21.81
CA GLU B 99 17.90 -20.38 -23.17
C GLU B 99 18.33 -21.85 -23.13
N ASP B 100 17.46 -22.73 -23.64
CA ASP B 100 17.78 -24.15 -23.65
C ASP B 100 19.01 -24.40 -24.54
N ILE B 101 19.81 -25.41 -24.18
CA ILE B 101 20.83 -25.86 -25.11
C ILE B 101 20.19 -26.23 -26.44
N ASP B 102 19.01 -26.86 -26.38
CA ASP B 102 18.15 -27.08 -27.54
C ASP B 102 17.60 -25.73 -27.97
N GLU B 103 18.11 -25.20 -29.07
CA GLU B 103 17.79 -23.86 -29.52
C GLU B 103 16.35 -23.72 -29.99
N SER B 104 15.58 -24.80 -29.99
CA SER B 104 14.17 -24.75 -30.30
C SER B 104 13.32 -24.31 -29.12
N LYS B 105 13.94 -24.06 -27.96
CA LYS B 105 13.21 -23.85 -26.72
C LYS B 105 13.88 -22.73 -25.93
N ASP B 106 13.09 -21.75 -25.52
CA ASP B 106 13.47 -20.87 -24.44
C ASP B 106 12.29 -20.74 -23.49
N TYR B 107 12.58 -20.24 -22.28
CA TYR B 107 11.62 -20.24 -21.18
C TYR B 107 11.59 -18.86 -20.56
N TRP B 108 10.41 -18.26 -20.50
CA TRP B 108 10.24 -16.90 -20.04
C TRP B 108 9.59 -16.89 -18.66
N GLY B 109 10.11 -16.04 -17.79
CA GLY B 109 9.33 -15.65 -16.62
C GLY B 109 8.08 -14.88 -17.02
N GLN B 110 7.20 -14.66 -16.03
CA GLN B 110 5.98 -13.92 -16.29
C GLN B 110 6.21 -12.41 -16.30
N GLY B 111 7.36 -11.94 -15.84
CA GLY B 111 7.68 -10.52 -15.94
C GLY B 111 7.37 -9.80 -14.64
N THR B 112 8.30 -8.98 -14.17
CA THR B 112 8.11 -8.14 -12.99
C THR B 112 7.86 -6.72 -13.43
N THR B 113 6.71 -6.15 -13.03
CA THR B 113 6.45 -4.74 -13.30
C THR B 113 7.13 -3.89 -12.24
N LEU B 114 8.18 -3.17 -12.64
CA LEU B 114 8.86 -2.24 -11.77
C LEU B 114 8.29 -0.85 -11.99
N THR B 115 7.91 -0.20 -10.89
CA THR B 115 7.44 1.18 -10.87
C THR B 115 8.38 1.96 -9.97
N VAL B 116 9.00 2.99 -10.54
CA VAL B 116 9.87 3.90 -9.82
C VAL B 116 9.01 5.11 -9.44
N SER B 117 8.62 5.20 -8.16
CA SER B 117 7.76 6.28 -7.69
C SER B 117 7.90 6.40 -6.17
N SER B 118 7.52 7.58 -5.65
CA SER B 118 7.42 7.84 -4.23
C SER B 118 6.03 7.56 -3.66
N ALA B 119 5.05 7.21 -4.49
CA ALA B 119 3.68 7.02 -4.02
C ALA B 119 3.55 5.72 -3.23
N LYS B 120 2.52 5.65 -2.41
CA LYS B 120 2.32 4.52 -1.50
C LYS B 120 1.58 3.38 -2.20
N THR B 121 1.88 2.16 -1.80
CA THR B 121 1.10 1.02 -2.28
C THR B 121 -0.31 1.11 -1.75
N THR B 122 -1.28 0.97 -2.65
CA THR B 122 -2.70 1.04 -2.33
C THR B 122 -3.41 -0.16 -2.95
N ALA B 123 -4.01 -0.98 -2.11
CA ALA B 123 -4.78 -2.12 -2.61
C ALA B 123 -6.05 -1.57 -3.25
N PRO B 124 -6.56 -2.21 -4.30
CA PRO B 124 -7.80 -1.73 -4.91
C PRO B 124 -9.03 -1.96 -4.04
N SER B 125 -10.06 -1.18 -4.33
CA SER B 125 -11.43 -1.58 -4.01
C SER B 125 -12.00 -2.26 -5.24
N VAL B 126 -12.72 -3.37 -5.04
CA VAL B 126 -13.29 -4.16 -6.14
C VAL B 126 -14.80 -4.17 -5.96
N TYR B 127 -15.51 -3.68 -6.96
CA TYR B 127 -16.93 -3.47 -6.84
C TYR B 127 -17.64 -4.31 -7.88
N PRO B 128 -18.66 -5.06 -7.48
CA PRO B 128 -19.47 -5.79 -8.46
C PRO B 128 -20.43 -4.82 -9.15
N LEU B 129 -20.58 -5.01 -10.47
CA LEU B 129 -21.47 -4.19 -11.30
C LEU B 129 -22.59 -5.09 -11.80
N ALA B 130 -23.73 -5.02 -11.16
CA ALA B 130 -24.88 -5.77 -11.66
C ALA B 130 -25.72 -4.87 -12.59
N PRO B 131 -26.58 -5.44 -13.42
CA PRO B 131 -27.38 -4.60 -14.34
C PRO B 131 -28.26 -3.61 -13.59
N VAL B 132 -28.60 -2.52 -14.29
CA VAL B 132 -29.58 -1.55 -13.81
C VAL B 132 -30.86 -2.25 -13.37
N CYS B 133 -31.52 -1.72 -12.34
CA CYS B 133 -32.82 -2.23 -11.96
C CYS B 133 -33.77 -2.20 -13.15
N GLY B 134 -34.69 -3.16 -13.21
CA GLY B 134 -35.70 -3.19 -14.25
C GLY B 134 -35.77 -4.48 -15.05
N SER B 137 -35.56 -6.75 -19.39
CA SER B 137 -35.23 -8.12 -19.76
C SER B 137 -34.84 -8.27 -21.23
N GLY B 138 -33.87 -9.15 -21.49
CA GLY B 138 -33.39 -9.40 -22.84
C GLY B 138 -32.89 -10.82 -22.94
N SER B 139 -32.31 -11.15 -24.10
CA SER B 139 -31.73 -12.47 -24.29
C SER B 139 -30.52 -12.69 -23.40
N SER B 140 -29.67 -11.67 -23.25
CA SER B 140 -28.42 -11.85 -22.54
C SER B 140 -28.13 -10.63 -21.66
N VAL B 141 -27.18 -10.82 -20.75
CA VAL B 141 -26.93 -9.91 -19.66
C VAL B 141 -25.44 -9.66 -19.57
N THR B 142 -25.08 -8.42 -19.23
CA THR B 142 -23.70 -7.98 -19.12
C THR B 142 -23.46 -7.56 -17.68
N LEU B 143 -22.44 -8.13 -17.07
CA LEU B 143 -22.03 -7.84 -15.72
C LEU B 143 -20.67 -7.19 -15.80
N GLY B 144 -20.30 -6.51 -14.71
CA GLY B 144 -19.02 -5.83 -14.68
C GLY B 144 -18.34 -6.01 -13.35
N CYS B 145 -17.05 -5.65 -13.36
CA CYS B 145 -16.20 -5.67 -12.20
CA CYS B 145 -16.20 -5.65 -12.19
C CYS B 145 -15.36 -4.40 -12.30
N LEU B 146 -15.40 -3.58 -11.25
CA LEU B 146 -14.71 -2.29 -11.23
C LEU B 146 -13.60 -2.36 -10.19
N VAL B 147 -12.38 -2.16 -10.63
CA VAL B 147 -11.19 -2.28 -9.79
C VAL B 147 -10.65 -0.88 -9.67
N LYS B 148 -10.87 -0.24 -8.53
CA LYS B 148 -10.67 1.19 -8.43
C LYS B 148 -9.61 1.54 -7.39
N GLY B 149 -8.70 2.41 -7.78
CA GLY B 149 -7.87 3.11 -6.83
C GLY B 149 -6.71 2.28 -6.29
N TYR B 150 -5.94 1.65 -7.17
CA TYR B 150 -4.80 0.86 -6.75
C TYR B 150 -3.51 1.48 -7.27
N PHE B 151 -2.41 1.08 -6.65
CA PHE B 151 -1.09 1.52 -7.04
C PHE B 151 -0.06 0.59 -6.41
N PRO B 152 0.97 0.23 -7.19
CA PRO B 152 1.26 0.45 -8.60
C PRO B 152 0.64 -0.65 -9.45
N GLU B 153 0.97 -0.68 -10.74
CA GLU B 153 0.51 -1.76 -11.62
CA GLU B 153 0.54 -1.74 -11.64
C GLU B 153 1.30 -3.02 -11.28
N PRO B 154 0.78 -4.19 -11.68
CA PRO B 154 -0.48 -4.47 -12.39
C PRO B 154 -1.59 -5.03 -11.48
N VAL B 155 -2.79 -5.19 -12.06
CA VAL B 155 -3.75 -6.15 -11.54
C VAL B 155 -4.08 -7.16 -12.62
N THR B 156 -4.40 -8.37 -12.19
CA THR B 156 -4.93 -9.40 -13.07
C THR B 156 -6.35 -9.71 -12.63
N LEU B 157 -7.21 -9.91 -13.59
CA LEU B 157 -8.62 -10.11 -13.33
C LEU B 157 -9.07 -11.34 -14.10
N THR B 158 -9.79 -12.23 -13.43
CA THR B 158 -10.45 -13.34 -14.09
C THR B 158 -11.89 -13.40 -13.63
N TRP B 159 -12.65 -14.29 -14.27
CA TRP B 159 -14.02 -14.59 -13.91
C TRP B 159 -14.13 -16.08 -13.62
N ASN B 160 -14.75 -16.42 -12.48
CA ASN B 160 -14.92 -17.82 -12.07
C ASN B 160 -13.59 -18.58 -12.11
N SER B 161 -12.54 -17.89 -11.67
CA SER B 161 -11.18 -18.43 -11.62
C SER B 161 -10.63 -18.74 -13.02
N GLY B 162 -11.08 -17.99 -14.04
CA GLY B 162 -10.70 -18.27 -15.42
C GLY B 162 -11.55 -19.32 -16.13
N SER B 163 -12.47 -19.97 -15.45
CA SER B 163 -13.28 -20.92 -16.21
C SER B 163 -14.34 -20.23 -17.05
N LEU B 164 -14.61 -18.96 -16.81
CA LEU B 164 -15.46 -18.12 -17.66
C LEU B 164 -14.54 -17.17 -18.41
N SER B 165 -14.33 -17.43 -19.71
CA SER B 165 -13.41 -16.63 -20.51
C SER B 165 -14.00 -16.12 -21.82
N SER B 166 -15.04 -16.76 -22.36
CA SER B 166 -15.73 -16.24 -23.53
C SER B 166 -16.60 -15.04 -23.15
N GLY B 167 -16.70 -14.07 -24.06
CA GLY B 167 -17.55 -12.92 -23.79
C GLY B 167 -16.98 -11.99 -22.73
N VAL B 168 -15.67 -12.04 -22.53
CA VAL B 168 -15.02 -11.23 -21.51
C VAL B 168 -14.25 -10.12 -22.22
N HIS B 169 -14.33 -8.90 -21.64
CA HIS B 169 -13.56 -7.76 -22.11
C HIS B 169 -12.92 -7.15 -20.88
N THR B 170 -11.59 -7.05 -20.86
CA THR B 170 -10.90 -6.44 -19.72
C THR B 170 -10.18 -5.20 -20.22
N PHE B 171 -10.46 -4.04 -19.57
CA PHE B 171 -10.02 -2.77 -20.14
C PHE B 171 -8.72 -2.35 -19.46
N PRO B 172 -7.73 -1.90 -20.25
CA PRO B 172 -6.45 -1.46 -19.66
C PRO B 172 -6.68 -0.37 -18.61
N ALA B 173 -5.81 -0.35 -17.59
CA ALA B 173 -5.97 0.62 -16.52
C ALA B 173 -5.66 2.02 -17.00
N VAL B 174 -6.32 3.01 -16.38
CA VAL B 174 -5.92 4.41 -16.57
C VAL B 174 -5.44 4.96 -15.23
N LEU B 175 -4.52 5.91 -15.32
CA LEU B 175 -3.91 6.51 -14.15
C LEU B 175 -4.52 7.88 -13.90
N GLN B 176 -4.90 8.14 -12.65
CA GLN B 176 -5.38 9.44 -12.21
C GLN B 176 -4.88 9.70 -10.80
N SER B 177 -4.16 10.81 -10.60
CA SER B 177 -3.68 11.26 -9.29
C SER B 177 -3.01 10.12 -8.53
N ASP B 178 -2.07 9.46 -9.22
CA ASP B 178 -1.28 8.36 -8.67
C ASP B 178 -2.13 7.18 -8.25
N LEU B 179 -3.25 6.94 -8.92
CA LEU B 179 -4.04 5.75 -8.65
C LEU B 179 -4.63 5.24 -9.95
N TYR B 180 -4.57 3.93 -10.14
CA TYR B 180 -5.07 3.31 -11.35
C TYR B 180 -6.50 2.79 -11.15
N THR B 181 -7.24 2.74 -12.26
CA THR B 181 -8.56 2.11 -12.28
C THR B 181 -8.66 1.25 -13.53
N LEU B 182 -9.26 0.06 -13.37
CA LEU B 182 -9.46 -0.89 -14.46
C LEU B 182 -10.87 -1.48 -14.32
N SER B 183 -11.43 -1.97 -15.43
CA SER B 183 -12.74 -2.62 -15.37
C SER B 183 -12.74 -3.84 -16.28
N SER B 184 -13.76 -4.69 -16.11
CA SER B 184 -13.95 -5.82 -17.00
C SER B 184 -15.45 -6.07 -17.10
N SER B 185 -15.89 -6.49 -18.28
CA SER B 185 -17.26 -6.88 -18.52
C SER B 185 -17.33 -8.34 -18.96
N VAL B 186 -18.43 -9.00 -18.63
CA VAL B 186 -18.64 -10.35 -19.11
C VAL B 186 -20.10 -10.42 -19.53
N THR B 187 -20.36 -11.06 -20.66
CA THR B 187 -21.71 -11.21 -21.20
C THR B 187 -22.08 -12.69 -21.25
N VAL B 188 -23.21 -13.03 -20.65
CA VAL B 188 -23.71 -14.41 -20.59
C VAL B 188 -25.19 -14.40 -20.93
N THR B 189 -25.75 -15.57 -21.16
CA THR B 189 -27.19 -15.64 -21.42
C THR B 189 -27.97 -15.44 -20.13
N SER B 190 -29.21 -14.96 -20.25
CA SER B 190 -30.02 -14.77 -19.06
C SER B 190 -30.36 -16.09 -18.37
N SER B 191 -30.27 -17.23 -19.07
CA SER B 191 -30.49 -18.50 -18.41
C SER B 191 -29.31 -18.93 -17.54
N THR B 192 -28.16 -18.29 -17.64
CA THR B 192 -27.04 -18.68 -16.81
C THR B 192 -26.91 -17.81 -15.55
N TRP B 193 -27.26 -16.53 -15.64
CA TRP B 193 -27.18 -15.63 -14.49
C TRP B 193 -28.54 -14.94 -14.25
N PRO B 194 -28.98 -14.88 -12.99
CA PRO B 194 -28.21 -15.23 -11.79
C PRO B 194 -28.34 -16.66 -11.25
N SER B 195 -28.90 -17.61 -12.00
CA SER B 195 -29.04 -18.96 -11.43
C SER B 195 -27.69 -19.61 -11.17
N GLN B 196 -26.67 -19.32 -11.99
CA GLN B 196 -25.31 -19.76 -11.71
C GLN B 196 -24.48 -18.62 -11.11
N SER B 197 -23.52 -19.00 -10.28
CA SER B 197 -22.66 -18.02 -9.62
C SER B 197 -21.62 -17.47 -10.60
N ILE B 198 -21.44 -16.15 -10.60
CA ILE B 198 -20.40 -15.49 -11.38
C ILE B 198 -19.63 -14.59 -10.43
N THR B 199 -18.33 -14.82 -10.33
CA THR B 199 -17.45 -14.10 -9.41
C THR B 199 -16.26 -13.53 -10.18
N CYS B 200 -15.96 -12.26 -9.95
CA CYS B 200 -14.71 -11.75 -10.50
CA CYS B 200 -14.75 -11.62 -10.45
C CYS B 200 -13.62 -11.83 -9.44
N ASN B 201 -12.46 -12.26 -9.89
CA ASN B 201 -11.30 -12.50 -9.04
C ASN B 201 -10.25 -11.49 -9.44
N VAL B 202 -9.72 -10.76 -8.47
CA VAL B 202 -8.77 -9.70 -8.75
C VAL B 202 -7.52 -9.96 -7.92
N ALA B 203 -6.37 -9.93 -8.58
CA ALA B 203 -5.08 -10.02 -7.91
C ALA B 203 -4.34 -8.71 -8.11
N HIS B 204 -3.80 -8.17 -7.02
CA HIS B 204 -2.93 -6.99 -7.05
C HIS B 204 -1.63 -7.42 -6.38
N PRO B 205 -0.63 -7.87 -7.16
CA PRO B 205 0.57 -8.48 -6.54
C PRO B 205 1.35 -7.53 -5.65
N ALA B 206 1.35 -6.22 -5.95
CA ALA B 206 2.16 -5.30 -5.13
C ALA B 206 1.66 -5.19 -3.69
N SER B 207 0.37 -5.44 -3.44
CA SER B 207 -0.19 -5.45 -2.09
C SER B 207 -0.53 -6.86 -1.63
N SER B 208 -0.08 -7.88 -2.38
CA SER B 208 -0.39 -9.28 -2.11
C SER B 208 -1.90 -9.50 -2.02
N THR B 209 -2.66 -8.66 -2.72
CA THR B 209 -4.13 -8.70 -2.65
C THR B 209 -4.68 -9.77 -3.57
N LYS B 210 -5.62 -10.57 -3.07
CA LYS B 210 -6.39 -11.50 -3.90
C LYS B 210 -7.82 -11.46 -3.37
N VAL B 211 -8.72 -10.84 -4.13
CA VAL B 211 -10.10 -10.58 -3.69
C VAL B 211 -11.07 -11.26 -4.64
N ASP B 212 -12.19 -11.78 -4.11
CA ASP B 212 -13.29 -12.33 -4.91
C ASP B 212 -14.55 -11.52 -4.64
N LYS B 213 -15.26 -11.14 -5.72
CA LYS B 213 -16.53 -10.43 -5.60
C LYS B 213 -17.59 -11.15 -6.42
N LYS B 214 -18.61 -11.70 -5.74
CA LYS B 214 -19.72 -12.32 -6.45
C LYS B 214 -20.68 -11.24 -6.94
N ILE B 215 -21.11 -11.32 -8.19
CA ILE B 215 -22.05 -10.36 -8.75
C ILE B 215 -23.45 -10.77 -8.33
N GLU B 216 -24.14 -9.89 -7.59
CA GLU B 216 -25.48 -10.16 -7.08
C GLU B 216 -26.48 -9.15 -7.65
N PRO B 217 -27.72 -9.56 -7.93
CA PRO B 217 -28.70 -8.59 -8.46
C PRO B 217 -28.88 -7.43 -7.49
N ARG B 218 -29.17 -6.26 -8.07
CA ARG B 218 -29.52 -5.10 -7.26
C ARG B 218 -30.91 -5.29 -6.65
N ASP C 1 21.54 -12.20 12.19
CA ASP C 1 22.17 -12.92 11.09
C ASP C 1 21.13 -13.22 10.01
N ILE C 2 19.94 -13.65 10.42
CA ILE C 2 18.82 -13.78 9.50
C ILE C 2 18.19 -12.40 9.36
N VAL C 3 17.87 -12.00 8.12
CA VAL C 3 17.28 -10.70 7.84
C VAL C 3 15.83 -10.88 7.38
N MET C 4 14.93 -10.04 7.90
CA MET C 4 13.50 -10.12 7.60
C MET C 4 13.07 -8.88 6.84
N THR C 5 12.26 -9.07 5.80
CA THR C 5 11.85 -7.93 4.98
C THR C 5 10.35 -7.97 4.80
N GLN C 6 9.71 -6.85 5.09
CA GLN C 6 8.28 -6.69 4.98
C GLN C 6 8.05 -5.58 3.97
N SER C 7 7.50 -5.94 2.82
CA SER C 7 7.29 -5.00 1.73
C SER C 7 5.84 -5.15 1.29
N PRO C 8 5.13 -4.02 1.08
CA PRO C 8 5.51 -2.64 1.39
C PRO C 8 5.56 -2.35 2.89
N SER C 9 6.32 -1.31 3.24
CA SER C 9 6.37 -0.86 4.63
C SER C 9 5.13 -0.08 5.05
N SER C 10 4.35 0.43 4.10
CA SER C 10 3.06 0.98 4.48
C SER C 10 2.04 0.56 3.45
N LEU C 11 0.83 0.30 3.91
CA LEU C 11 -0.20 -0.21 3.01
C LEU C 11 -1.52 0.46 3.34
N ALA C 12 -2.17 0.99 2.30
CA ALA C 12 -3.50 1.57 2.40
C ALA C 12 -4.51 0.54 1.91
N VAL C 13 -5.51 0.24 2.73
CA VAL C 13 -6.59 -0.67 2.36
C VAL C 13 -7.94 -0.06 2.68
N SER C 14 -8.96 -0.48 1.94
CA SER C 14 -10.32 0.01 2.10
C SER C 14 -11.01 -0.68 3.28
N ALA C 15 -11.84 0.08 3.99
CA ALA C 15 -12.41 -0.42 5.24
C ALA C 15 -13.29 -1.62 4.98
N GLY C 16 -13.15 -2.66 5.80
CA GLY C 16 -13.99 -3.85 5.70
C GLY C 16 -13.51 -4.89 4.70
N GLU C 17 -12.47 -4.61 3.93
CA GLU C 17 -11.97 -5.48 2.89
C GLU C 17 -10.81 -6.30 3.40
N LYS C 18 -10.41 -7.29 2.60
CA LYS C 18 -9.35 -8.19 3.00
C LYS C 18 -7.98 -7.55 2.82
N VAL C 19 -7.09 -7.78 3.79
CA VAL C 19 -5.72 -7.27 3.75
C VAL C 19 -4.78 -8.45 3.82
N THR C 20 -3.74 -8.45 2.99
CA THR C 20 -2.68 -9.45 3.09
C THR C 20 -1.35 -8.71 3.25
N LEU C 21 -0.59 -9.08 4.27
CA LEU C 21 0.72 -8.52 4.54
C LEU C 21 1.77 -9.58 4.22
N SER C 22 2.94 -9.15 3.78
CA SER C 22 3.96 -10.10 3.37
C SER C 22 5.25 -9.92 4.18
N CYS C 23 5.90 -11.05 4.43
CA CYS C 23 7.13 -11.10 5.23
C CYS C 23 8.05 -12.16 4.63
N LYS C 24 9.28 -11.78 4.31
CA LYS C 24 10.24 -12.70 3.69
C LYS C 24 11.53 -12.73 4.51
N SER C 25 12.11 -13.91 4.63
CA SER C 25 13.36 -14.05 5.35
C SER C 25 14.47 -14.32 4.36
N SER C 26 15.70 -13.94 4.73
CA SER C 26 16.86 -14.19 3.89
C SER C 26 17.28 -15.64 3.90
N GLN C 27 16.62 -16.47 4.69
CA GLN C 27 17.06 -17.81 4.98
C GLN C 27 15.87 -18.57 5.53
N SER C 28 15.84 -19.89 5.28
CA SER C 28 14.68 -20.67 5.68
C SER C 28 14.51 -20.67 7.19
N LEU C 29 13.25 -20.54 7.63
CA LEU C 29 12.89 -20.57 9.04
C LEU C 29 12.39 -21.94 9.49
N PHE C 30 12.44 -22.94 8.60
CA PHE C 30 11.88 -24.25 8.85
C PHE C 30 12.88 -25.13 9.59
N ASN C 31 12.41 -25.76 10.66
CA ASN C 31 13.20 -26.65 11.49
C ASN C 31 12.71 -28.06 11.18
N SER C 32 13.54 -28.86 10.51
CA SER C 32 13.04 -30.13 10.01
C SER C 32 12.76 -31.11 11.13
N ARG C 33 13.35 -30.92 12.31
CA ARG C 33 13.11 -31.84 13.42
C ARG C 33 11.70 -31.66 13.97
N THR C 34 11.30 -30.42 14.28
CA THR C 34 9.97 -30.17 14.84
C THR C 34 8.93 -29.86 13.77
N ARG C 35 9.35 -29.72 12.51
CA ARG C 35 8.47 -29.39 11.40
C ARG C 35 7.68 -28.13 11.71
N LYS C 36 8.38 -27.09 12.18
CA LYS C 36 7.77 -25.79 12.41
C LYS C 36 8.61 -24.73 11.73
N ASN C 37 7.93 -23.73 11.18
CA ASN C 37 8.57 -22.50 10.75
C ASN C 37 8.49 -21.52 11.90
N TYR C 38 9.64 -21.05 12.40
CA TYR C 38 9.66 -20.18 13.57
C TYR C 38 9.50 -18.73 13.12
N LEU C 39 8.26 -18.40 12.79
CA LEU C 39 7.88 -17.09 12.30
C LEU C 39 6.62 -16.69 13.06
N ALA C 40 6.64 -15.50 13.65
CA ALA C 40 5.52 -14.96 14.41
C ALA C 40 5.13 -13.62 13.84
N TRP C 41 3.90 -13.20 14.14
CA TRP C 41 3.39 -11.90 13.74
C TRP C 41 2.96 -11.11 14.97
N TYR C 42 3.37 -9.82 15.06
CA TYR C 42 3.01 -8.97 16.17
C TYR C 42 2.23 -7.75 15.66
N GLN C 43 1.35 -7.28 16.51
CA GLN C 43 0.60 -6.05 16.29
C GLN C 43 1.01 -5.01 17.30
N GLN C 44 1.31 -3.77 16.84
CA GLN C 44 1.61 -2.70 17.77
C GLN C 44 0.73 -1.49 17.46
N LYS C 45 -0.12 -1.16 18.36
CA LYS C 45 -0.94 0.04 18.28
C LYS C 45 -0.19 1.21 18.87
N PRO C 46 -0.59 2.45 18.56
CA PRO C 46 0.12 3.62 19.11
C PRO C 46 0.10 3.64 20.63
N GLY C 47 1.28 3.90 21.22
CA GLY C 47 1.40 4.06 22.64
C GLY C 47 1.32 2.77 23.44
N LEU C 48 1.43 1.62 22.78
CA LEU C 48 1.30 0.33 23.43
C LEU C 48 2.47 -0.55 23.01
N SER C 49 2.77 -1.57 23.84
CA SER C 49 3.75 -2.55 23.45
CA SER C 49 3.74 -2.57 23.47
C SER C 49 3.17 -3.52 22.42
N PRO C 50 4.02 -4.10 21.56
CA PRO C 50 3.54 -5.03 20.54
C PRO C 50 2.99 -6.29 21.21
N THR C 51 2.02 -6.90 20.56
CA THR C 51 1.45 -8.10 21.14
C THR C 51 1.44 -9.21 20.09
N LEU C 52 1.66 -10.47 20.53
CA LEU C 52 1.74 -11.60 19.60
C LEU C 52 0.36 -12.00 19.08
N LEU C 53 0.23 -12.17 17.76
CA LEU C 53 -0.99 -12.68 17.11
C LEU C 53 -0.86 -14.11 16.60
N ILE C 54 0.23 -14.43 15.91
CA ILE C 54 0.42 -15.69 15.19
C ILE C 54 1.80 -16.19 15.53
N TYR C 55 1.93 -17.48 15.78
CA TYR C 55 3.28 -18.08 15.90
C TYR C 55 3.33 -19.39 15.12
N TRP C 56 4.54 -19.92 14.95
CA TRP C 56 4.78 -21.08 14.10
C TRP C 56 4.20 -20.88 12.70
N ALA C 57 4.24 -19.64 12.23
CA ALA C 57 3.77 -19.10 10.97
C ALA C 57 2.27 -19.19 10.74
N SER C 58 1.57 -20.13 11.37
CA SER C 58 0.15 -20.22 11.04
C SER C 58 -0.76 -20.50 12.24
N THR C 59 -0.23 -20.61 13.45
CA THR C 59 -1.07 -20.86 14.61
C THR C 59 -1.47 -19.53 15.26
N ARG C 60 -2.77 -19.29 15.34
CA ARG C 60 -3.25 -18.06 15.96
C ARG C 60 -3.22 -18.23 17.47
N LYS C 61 -2.81 -17.19 18.17
CA LYS C 61 -2.94 -17.23 19.63
C LYS C 61 -4.40 -17.12 20.02
N SER C 62 -4.79 -17.88 21.04
CA SER C 62 -6.18 -17.89 21.47
CA SER C 62 -6.18 -17.90 21.48
C SER C 62 -6.63 -16.52 21.98
N GLY C 63 -7.85 -16.13 21.55
CA GLY C 63 -8.40 -14.85 21.91
C GLY C 63 -8.18 -13.78 20.86
N VAL C 64 -7.20 -13.98 20.00
CA VAL C 64 -7.00 -13.13 18.80
C VAL C 64 -8.18 -13.34 17.84
N PRO C 65 -8.78 -12.28 17.28
CA PRO C 65 -9.96 -12.46 16.41
C PRO C 65 -9.66 -13.37 15.23
N ASP C 66 -10.64 -14.21 14.88
CA ASP C 66 -10.38 -15.22 13.85
C ASP C 66 -10.31 -14.63 12.44
N ARG C 67 -10.50 -13.32 12.26
CA ARG C 67 -10.23 -12.73 10.96
C ARG C 67 -8.73 -12.66 10.67
N PHE C 68 -7.88 -12.93 11.67
CA PHE C 68 -6.44 -12.99 11.48
C PHE C 68 -6.00 -14.42 11.16
N THR C 69 -5.28 -14.61 10.05
CA THR C 69 -4.69 -15.89 9.69
CA THR C 69 -4.67 -15.89 9.71
C THR C 69 -3.28 -15.69 9.15
N GLY C 70 -2.37 -16.59 9.51
CA GLY C 70 -1.01 -16.59 9.00
C GLY C 70 -0.79 -17.81 8.13
N SER C 71 0.10 -17.67 7.14
CA SER C 71 0.46 -18.82 6.32
CA SER C 71 0.43 -18.77 6.24
C SER C 71 1.85 -18.60 5.73
N GLY C 72 2.33 -19.63 5.07
CA GLY C 72 3.64 -19.63 4.44
C GLY C 72 4.54 -20.69 5.02
N SER C 73 5.67 -20.87 4.33
CA SER C 73 6.68 -21.84 4.68
C SER C 73 8.02 -21.35 4.18
N GLY C 74 9.09 -21.78 4.87
CA GLY C 74 10.41 -21.53 4.32
C GLY C 74 10.81 -20.09 4.43
N THR C 75 10.83 -19.35 3.33
CA THR C 75 11.21 -17.95 3.37
C THR C 75 10.05 -16.99 3.12
N ASP C 76 8.85 -17.48 2.82
CA ASP C 76 7.76 -16.63 2.35
C ASP C 76 6.54 -16.81 3.24
N PHE C 77 6.10 -15.72 3.87
CA PHE C 77 5.06 -15.75 4.88
C PHE C 77 4.06 -14.63 4.61
N THR C 78 2.81 -14.86 4.98
CA THR C 78 1.81 -13.79 4.91
C THR C 78 0.92 -13.79 6.15
N LEU C 79 0.33 -12.62 6.41
CA LEU C 79 -0.69 -12.45 7.44
C LEU C 79 -1.90 -11.86 6.73
N THR C 80 -3.05 -12.50 6.87
CA THR C 80 -4.27 -12.03 6.23
C THR C 80 -5.28 -11.60 7.28
N ILE C 81 -5.90 -10.44 7.06
CA ILE C 81 -7.03 -9.96 7.85
C ILE C 81 -8.22 -10.00 6.90
N THR C 82 -9.19 -10.86 7.19
CA THR C 82 -10.24 -11.13 6.19
C THR C 82 -11.18 -9.94 6.00
N SER C 83 -11.48 -9.23 7.09
CA SER C 83 -12.33 -8.04 7.02
C SER C 83 -11.77 -7.02 8.00
N VAL C 84 -11.02 -6.04 7.49
CA VAL C 84 -10.28 -5.13 8.36
C VAL C 84 -11.22 -4.19 9.11
N GLN C 85 -11.04 -4.13 10.42
CA GLN C 85 -11.82 -3.28 11.32
C GLN C 85 -10.98 -2.09 11.78
N ALA C 86 -11.66 -1.04 12.26
CA ALA C 86 -10.93 0.10 12.80
C ALA C 86 -9.96 -0.35 13.89
N GLU C 87 -10.37 -1.30 14.73
CA GLU C 87 -9.49 -1.75 15.80
C GLU C 87 -8.23 -2.44 15.28
N ASP C 88 -8.15 -2.77 14.00
CA ASP C 88 -6.95 -3.39 13.47
C ASP C 88 -5.90 -2.36 13.04
N LEU C 89 -6.20 -1.07 13.12
CA LEU C 89 -5.20 -0.06 12.79
CA LEU C 89 -5.20 -0.05 12.80
C LEU C 89 -3.98 -0.23 13.70
N ALA C 90 -2.82 -0.51 13.10
CA ALA C 90 -1.59 -0.84 13.84
C ALA C 90 -0.46 -0.92 12.83
N VAL C 91 0.77 -1.04 13.36
CA VAL C 91 1.92 -1.52 12.60
C VAL C 91 2.06 -3.00 12.90
N TYR C 92 2.19 -3.82 11.85
CA TYR C 92 2.39 -5.26 11.97
C TYR C 92 3.83 -5.62 11.71
N TYR C 93 4.41 -6.40 12.62
CA TYR C 93 5.78 -6.87 12.49
C TYR C 93 5.81 -8.39 12.50
N CYS C 94 6.64 -8.96 11.63
CA CYS C 94 6.97 -10.37 11.70
C CYS C 94 8.27 -10.53 12.48
N LYS C 95 8.46 -11.70 13.10
CA LYS C 95 9.62 -11.94 13.96
C LYS C 95 10.06 -13.38 13.78
N GLN C 96 11.27 -13.60 13.29
CA GLN C 96 11.80 -14.96 13.21
C GLN C 96 12.43 -15.31 14.55
N SER C 97 12.29 -16.58 14.92
CA SER C 97 12.99 -17.11 16.10
C SER C 97 13.67 -18.44 15.77
N TYR C 98 14.00 -18.66 14.49
CA TYR C 98 14.74 -19.85 14.10
C TYR C 98 16.16 -19.82 14.65
N TYR C 99 16.81 -18.65 14.63
CA TYR C 99 18.15 -18.56 15.23
C TYR C 99 18.36 -17.09 15.65
N LEU C 100 17.98 -16.79 16.86
CA LEU C 100 18.39 -15.55 17.52
C LEU C 100 16.97 -15.03 17.41
N ARG C 101 16.80 -13.73 17.36
CA ARG C 101 15.51 -13.12 17.05
C ARG C 101 15.70 -11.97 16.07
N THR C 102 14.80 -11.84 15.10
CA THR C 102 14.91 -10.72 14.18
C THR C 102 13.52 -10.25 13.81
N PHE C 103 13.31 -8.93 13.82
CA PHE C 103 12.04 -8.33 13.44
C PHE C 103 12.11 -7.81 12.02
N GLY C 104 11.02 -7.97 11.29
CA GLY C 104 10.88 -7.25 10.04
C GLY C 104 10.73 -5.75 10.29
N GLY C 105 10.80 -4.99 9.20
CA GLY C 105 10.67 -3.57 9.37
C GLY C 105 9.27 -3.05 9.61
N GLY C 106 8.25 -3.90 9.55
CA GLY C 106 6.91 -3.46 9.87
C GLY C 106 6.16 -3.02 8.61
N THR C 107 4.85 -3.16 8.66
CA THR C 107 3.97 -2.61 7.65
C THR C 107 2.89 -1.85 8.40
N LYS C 108 2.82 -0.55 8.19
CA LYS C 108 1.81 0.26 8.84
C LYS C 108 0.57 0.24 7.97
N LEU C 109 -0.58 0.00 8.59
CA LEU C 109 -1.82 -0.10 7.86
C LEU C 109 -2.48 1.28 7.90
N GLU C 110 -3.11 1.67 6.79
CA GLU C 110 -3.96 2.86 6.76
C GLU C 110 -5.32 2.39 6.24
N ILE C 111 -6.40 2.79 6.90
CA ILE C 111 -7.75 2.39 6.51
C ILE C 111 -8.39 3.55 5.74
N LYS C 112 -8.84 3.28 4.51
CA LYS C 112 -9.62 4.24 3.75
C LYS C 112 -11.11 4.03 4.02
N ARG C 113 -11.81 5.13 4.33
CA ARG C 113 -13.22 5.11 4.71
C ARG C 113 -13.94 6.29 4.08
N ALA C 114 -15.22 6.43 4.39
CA ALA C 114 -16.02 7.51 3.84
C ALA C 114 -15.62 8.86 4.45
N ASP C 115 -15.91 9.92 3.70
CA ASP C 115 -15.62 11.27 4.18
C ASP C 115 -16.46 11.59 5.42
N ALA C 116 -15.87 12.38 6.35
CA ALA C 116 -16.61 12.83 7.53
C ALA C 116 -16.19 14.23 7.94
N ALA C 117 -17.20 15.06 8.34
CA ALA C 117 -16.86 16.45 8.61
C ALA C 117 -16.49 16.64 10.07
N PRO C 118 -15.52 17.50 10.35
CA PRO C 118 -15.01 17.63 11.71
C PRO C 118 -16.00 18.28 12.64
N THR C 119 -15.92 17.89 13.91
CA THR C 119 -16.65 18.51 15.01
C THR C 119 -15.71 19.43 15.79
N VAL C 120 -16.08 20.70 15.93
CA VAL C 120 -15.12 21.73 16.35
C VAL C 120 -15.51 22.30 17.71
N SER C 121 -14.55 22.29 18.65
CA SER C 121 -14.68 22.95 19.94
CA SER C 121 -14.71 22.99 19.92
C SER C 121 -13.56 23.98 20.08
N ILE C 122 -13.83 25.08 20.78
CA ILE C 122 -12.84 26.13 20.98
C ILE C 122 -12.72 26.50 22.46
N PHE C 123 -11.49 26.84 22.87
CA PHE C 123 -11.19 27.12 24.26
C PHE C 123 -10.35 28.37 24.44
N PRO C 124 -10.81 29.33 25.25
CA PRO C 124 -9.99 30.52 25.56
C PRO C 124 -8.84 30.14 26.49
N PRO C 125 -7.89 31.06 26.67
CA PRO C 125 -6.80 30.81 27.63
C PRO C 125 -7.37 30.61 29.02
N SER C 126 -6.70 29.75 29.78
CA SER C 126 -7.01 29.59 31.20
C SER C 126 -6.50 30.78 31.98
N SER C 127 -7.18 31.06 33.09
CA SER C 127 -6.76 32.18 33.92
C SER C 127 -5.35 31.92 34.48
N GLU C 128 -4.99 30.65 34.73
CA GLU C 128 -3.65 30.41 35.25
C GLU C 128 -2.59 30.67 34.21
N GLN C 129 -2.84 30.37 32.94
CA GLN C 129 -1.86 30.76 31.94
C GLN C 129 -1.72 32.28 31.86
N LEU C 130 -2.86 32.98 31.90
CA LEU C 130 -2.84 34.42 31.73
C LEU C 130 -2.06 35.10 32.85
N THR C 131 -2.14 34.54 34.06
CA THR C 131 -1.38 35.08 35.19
C THR C 131 0.11 35.22 34.86
N SER C 132 0.65 34.30 34.08
CA SER C 132 2.06 34.29 33.70
C SER C 132 2.34 35.06 32.41
N GLY C 133 1.33 35.66 31.78
CA GLY C 133 1.56 36.52 30.65
C GLY C 133 1.45 35.87 29.29
N GLY C 134 1.08 34.59 29.21
CA GLY C 134 0.87 33.92 27.94
C GLY C 134 -0.60 33.69 27.69
N ALA C 135 -0.99 33.40 26.45
CA ALA C 135 -2.39 33.22 26.13
C ALA C 135 -2.48 32.23 24.98
N SER C 136 -2.83 30.97 25.29
CA SER C 136 -3.03 29.95 24.26
C SER C 136 -4.53 29.75 24.04
N VAL C 137 -4.95 29.82 22.78
CA VAL C 137 -6.31 29.50 22.37
C VAL C 137 -6.27 28.16 21.66
N VAL C 138 -7.16 27.23 22.03
CA VAL C 138 -7.09 25.88 21.50
C VAL C 138 -8.37 25.57 20.74
N CYS C 139 -8.21 24.94 19.58
CA CYS C 139 -9.28 24.39 18.76
CA CYS C 139 -9.32 24.38 18.84
C CYS C 139 -9.11 22.88 18.62
N PHE C 140 -10.13 22.11 18.97
CA PHE C 140 -10.19 20.67 18.69
C PHE C 140 -11.13 20.44 17.52
N LEU C 141 -10.64 19.75 16.47
CA LEU C 141 -11.47 19.35 15.34
C LEU C 141 -11.47 17.84 15.36
N ASN C 142 -12.61 17.24 15.72
CA ASN C 142 -12.62 15.84 16.08
C ASN C 142 -13.40 14.99 15.08
N ASN C 143 -12.84 13.83 14.74
CA ASN C 143 -13.54 12.77 14.00
C ASN C 143 -13.86 13.17 12.56
N PHE C 144 -12.84 13.59 11.83
CA PHE C 144 -13.04 13.88 10.42
C PHE C 144 -12.27 12.92 9.52
N TYR C 145 -12.59 12.98 8.23
CA TYR C 145 -11.90 12.17 7.22
C TYR C 145 -12.17 12.76 5.83
N PRO C 146 -11.13 12.84 4.96
CA PRO C 146 -9.73 12.45 5.12
C PRO C 146 -8.92 13.37 6.03
N LYS C 147 -7.66 13.00 6.21
CA LYS C 147 -6.75 13.68 7.13
C LYS C 147 -6.48 15.12 6.71
N ASP C 148 -6.51 15.38 5.41
CA ASP C 148 -6.19 16.69 4.88
C ASP C 148 -7.19 17.71 5.40
N ILE C 149 -6.70 18.77 6.03
CA ILE C 149 -7.56 19.83 6.56
C ILE C 149 -6.69 21.06 6.80
N ASN C 150 -7.24 22.23 6.52
CA ASN C 150 -6.53 23.49 6.77
C ASN C 150 -7.27 24.28 7.84
N VAL C 151 -6.54 24.78 8.83
CA VAL C 151 -7.12 25.56 9.92
C VAL C 151 -6.48 26.94 9.89
N LYS C 152 -7.32 27.96 9.91
CA LYS C 152 -6.87 29.32 10.02
C LYS C 152 -7.43 29.91 11.30
N TRP C 153 -6.65 30.77 11.94
CA TRP C 153 -7.07 31.46 13.13
C TRP C 153 -7.38 32.90 12.74
N LYS C 154 -8.53 33.40 13.14
CA LYS C 154 -8.90 34.79 12.84
C LYS C 154 -9.06 35.53 14.15
N ILE C 155 -8.43 36.70 14.25
CA ILE C 155 -8.50 37.48 15.48
C ILE C 155 -9.14 38.80 15.09
N ASP C 156 -10.31 39.10 15.66
CA ASP C 156 -11.13 40.19 15.15
C ASP C 156 -11.10 40.23 13.63
N GLY C 157 -11.30 39.07 13.02
CA GLY C 157 -11.52 39.04 11.58
C GLY C 157 -10.28 38.87 10.74
N SER C 158 -9.07 38.93 11.33
CA SER C 158 -7.82 38.96 10.59
C SER C 158 -6.97 37.73 10.88
N GLU C 159 -6.39 37.16 9.83
CA GLU C 159 -5.65 35.91 10.00
C GLU C 159 -4.38 36.16 10.79
N ARG C 160 -4.06 35.21 11.66
CA ARG C 160 -2.82 35.13 12.40
C ARG C 160 -2.16 33.80 12.04
N GLN C 161 -1.00 33.85 11.36
CA GLN C 161 -0.38 32.61 10.89
C GLN C 161 0.79 32.13 11.73
N ASN C 162 1.42 32.99 12.53
CA ASN C 162 2.52 32.56 13.38
C ASN C 162 2.01 32.15 14.76
N GLY C 163 2.75 31.25 15.40
CA GLY C 163 2.40 30.82 16.75
C GLY C 163 1.34 29.73 16.83
N VAL C 164 1.22 28.90 15.80
CA VAL C 164 0.24 27.82 15.77
C VAL C 164 0.97 26.48 15.87
N LEU C 165 0.45 25.61 16.72
CA LEU C 165 0.93 24.26 16.90
C LEU C 165 -0.22 23.32 16.57
N ASN C 166 -0.05 22.51 15.53
CA ASN C 166 -1.06 21.54 15.10
C ASN C 166 -0.62 20.12 15.38
N SER C 167 -1.53 19.29 15.91
CA SER C 167 -1.22 17.88 16.13
C SER C 167 -2.39 17.03 15.69
N TRP C 168 -2.11 15.98 14.93
CA TRP C 168 -3.12 15.03 14.46
C TRP C 168 -3.00 13.73 15.26
N THR C 169 -4.13 13.14 15.67
CA THR C 169 -4.09 11.78 16.16
C THR C 169 -3.79 10.78 15.03
N ASP C 170 -3.35 9.59 15.41
CA ASP C 170 -3.40 8.50 14.46
C ASP C 170 -4.87 8.16 14.18
N GLN C 171 -5.09 7.41 13.12
CA GLN C 171 -6.46 6.99 12.82
C GLN C 171 -7.11 6.35 14.04
N ASP C 172 -8.35 6.76 14.27
CA ASP C 172 -9.11 6.38 15.45
C ASP C 172 -9.41 4.89 15.46
N SER C 173 -9.10 4.23 16.59
CA SER C 173 -9.36 2.81 16.74
C SER C 173 -10.83 2.47 16.72
N LYS C 174 -11.71 3.44 16.86
CA LYS C 174 -13.14 3.15 16.82
C LYS C 174 -13.76 3.38 15.45
N ASP C 175 -13.38 4.43 14.72
CA ASP C 175 -14.09 4.72 13.48
C ASP C 175 -13.17 5.14 12.34
N SER C 176 -11.86 5.01 12.50
CA SER C 176 -10.86 5.25 11.47
C SER C 176 -10.84 6.70 11.02
N THR C 177 -11.50 7.60 11.75
CA THR C 177 -11.40 9.03 11.48
C THR C 177 -10.12 9.57 12.12
N TYR C 178 -9.83 10.84 11.82
CA TYR C 178 -8.75 11.55 12.46
C TYR C 178 -9.33 12.63 13.38
N SER C 179 -8.53 13.04 14.35
CA SER C 179 -8.84 14.26 15.10
C SER C 179 -7.61 15.15 15.07
N MET C 180 -7.81 16.45 15.28
CA MET C 180 -6.74 17.42 15.20
CA MET C 180 -6.68 17.36 15.28
C MET C 180 -6.88 18.46 16.31
N SER C 181 -5.76 18.87 16.92
CA SER C 181 -5.73 19.93 17.91
C SER C 181 -4.87 21.05 17.35
N SER C 182 -5.40 22.28 17.39
CA SER C 182 -4.71 23.45 16.89
C SER C 182 -4.66 24.50 18.00
N THR C 183 -3.47 24.96 18.34
CA THR C 183 -3.22 25.81 19.49
C THR C 183 -2.52 27.09 19.01
N LEU C 184 -3.17 28.23 19.22
CA LEU C 184 -2.61 29.54 18.89
C LEU C 184 -2.08 30.13 20.19
N THR C 185 -0.78 30.40 20.24
CA THR C 185 -0.20 31.03 21.40
C THR C 185 0.14 32.49 21.12
N LEU C 186 -0.44 33.39 21.90
CA LEU C 186 -0.19 34.83 21.89
C LEU C 186 0.38 35.25 23.23
N THR C 187 0.83 36.51 23.30
CA THR C 187 1.07 37.12 24.60
C THR C 187 -0.25 37.56 25.20
N LYS C 188 -0.28 37.69 26.53
CA LYS C 188 -1.46 38.21 27.22
C LYS C 188 -1.84 39.62 26.75
N ASP C 189 -0.84 40.49 26.59
CA ASP C 189 -1.07 41.85 26.09
C ASP C 189 -1.90 41.81 24.81
N GLU C 190 -1.39 41.08 23.82
CA GLU C 190 -2.02 40.99 22.52
C GLU C 190 -3.38 40.31 22.59
N TYR C 191 -3.47 39.18 23.33
CA TYR C 191 -4.78 38.53 23.51
C TYR C 191 -5.82 39.51 24.04
N GLU C 192 -5.45 40.36 24.99
CA GLU C 192 -6.45 41.23 25.61
C GLU C 192 -6.79 42.43 24.75
N ARG C 193 -6.01 42.70 23.70
CA ARG C 193 -6.35 43.80 22.79
C ARG C 193 -7.43 43.42 21.78
N HIS C 194 -7.97 42.21 21.81
CA HIS C 194 -8.91 41.82 20.75
C HIS C 194 -10.13 41.13 21.35
N ASN C 195 -11.19 41.02 20.56
CA ASN C 195 -12.46 40.53 21.09
C ASN C 195 -12.87 39.18 20.53
N SER C 196 -12.86 39.00 19.21
CA SER C 196 -13.35 37.76 18.58
C SER C 196 -12.20 36.84 18.15
N TYR C 197 -12.32 35.56 18.53
CA TYR C 197 -11.36 34.51 18.24
C TYR C 197 -12.05 33.38 17.51
N THR C 198 -11.58 33.10 16.29
CA THR C 198 -12.19 32.11 15.41
C THR C 198 -11.20 31.06 14.95
N CYS C 199 -11.61 29.81 15.01
CA CYS C 199 -10.93 28.71 14.35
CA CYS C 199 -10.89 28.79 14.27
C CYS C 199 -11.73 28.36 13.10
N GLU C 200 -11.12 28.44 11.94
CA GLU C 200 -11.83 28.36 10.69
C GLU C 200 -11.19 27.24 9.89
N ALA C 201 -11.95 26.15 9.70
CA ALA C 201 -11.45 24.95 9.05
C ALA C 201 -11.99 24.84 7.62
N THR C 202 -11.10 24.52 6.69
CA THR C 202 -11.46 24.09 5.34
C THR C 202 -11.20 22.61 5.22
N HIS C 203 -12.21 21.88 4.75
CA HIS C 203 -12.16 20.43 4.66
C HIS C 203 -12.94 20.04 3.42
N LYS C 204 -12.59 18.91 2.79
CA LYS C 204 -13.23 18.61 1.52
C LYS C 204 -14.73 18.31 1.65
N THR C 205 -15.23 18.09 2.86
CA THR C 205 -16.64 17.85 3.12
C THR C 205 -17.50 19.11 2.98
N SER C 206 -16.92 20.28 2.73
CA SER C 206 -17.75 21.46 2.50
C SER C 206 -16.94 22.49 1.72
N THR C 207 -17.59 23.14 0.75
CA THR C 207 -16.98 24.31 0.15
C THR C 207 -16.97 25.46 1.13
N SER C 208 -17.97 25.50 2.07
CA SER C 208 -17.79 26.64 2.95
C SER C 208 -16.97 26.25 4.19
N PRO C 209 -16.27 27.22 4.74
CA PRO C 209 -15.44 26.92 5.91
C PRO C 209 -16.31 26.64 7.11
N ILE C 210 -15.79 25.78 7.98
CA ILE C 210 -16.41 25.47 9.27
C ILE C 210 -15.80 26.45 10.26
N VAL C 211 -16.65 27.25 10.92
CA VAL C 211 -16.16 28.28 11.82
C VAL C 211 -16.66 27.99 13.23
N LYS C 212 -15.80 28.23 14.20
CA LYS C 212 -16.19 28.16 15.59
C LYS C 212 -15.47 29.30 16.30
N SER C 213 -16.24 30.14 17.02
CA SER C 213 -15.70 31.38 17.61
C SER C 213 -16.16 31.53 19.06
N PHE C 214 -15.43 32.37 19.80
CA PHE C 214 -15.95 32.97 21.01
C PHE C 214 -15.58 34.46 20.98
N ASN C 215 -16.41 35.26 21.64
CA ASN C 215 -16.18 36.69 21.82
C ASN C 215 -15.87 36.96 23.29
N ARG C 216 -14.80 37.70 23.54
CA ARG C 216 -14.42 37.97 24.93
C ARG C 216 -15.46 38.83 25.66
N ASN C 217 -16.20 39.66 24.95
CA ASN C 217 -17.10 40.53 25.70
C ASN C 217 -18.38 39.82 26.12
N GLU C 218 -18.52 38.53 25.86
CA GLU C 218 -19.67 37.77 26.36
C GLU C 218 -19.24 36.95 27.57
N CYS C 219 -20.23 36.48 28.33
CA CYS C 219 -20.05 35.76 29.62
C CYS C 219 -19.61 36.67 30.77
N GLU D 1 -1.70 -11.88 37.12
CA GLU D 1 -1.14 -11.71 35.79
C GLU D 1 0.39 -11.41 35.84
N VAL D 2 1.15 -12.01 34.91
CA VAL D 2 2.57 -11.66 34.74
C VAL D 2 2.71 -10.19 34.45
N GLN D 3 3.72 -9.54 35.03
CA GLN D 3 3.87 -8.12 34.77
C GLN D 3 5.36 -7.85 34.70
N LEU D 4 5.76 -7.03 33.70
CA LEU D 4 7.13 -6.57 33.61
C LEU D 4 7.07 -5.06 33.78
N GLN D 5 7.67 -4.56 34.86
CA GLN D 5 7.65 -3.12 35.16
C GLN D 5 9.01 -2.50 34.92
N GLN D 6 9.07 -1.65 33.92
CA GLN D 6 10.32 -1.04 33.54
C GLN D 6 10.48 0.24 34.30
N SER D 7 11.74 0.55 34.60
CA SER D 7 12.07 1.76 35.30
C SER D 7 11.53 2.95 34.49
N GLY D 8 11.57 4.12 35.10
CA GLY D 8 11.00 5.29 34.46
C GLY D 8 11.86 5.82 33.32
N ALA D 9 11.23 6.73 32.54
CA ALA D 9 11.91 7.46 31.48
C ALA D 9 13.25 7.99 31.99
N GLU D 10 14.25 8.08 31.11
CA GLU D 10 15.58 8.54 31.50
C GLU D 10 16.06 9.67 30.59
N LEU D 11 16.62 10.70 31.19
CA LEU D 11 17.29 11.78 30.48
C LEU D 11 18.75 11.64 30.87
N VAL D 12 19.63 11.35 29.93
CA VAL D 12 21.01 11.01 30.31
C VAL D 12 22.03 11.71 29.43
N ARG D 13 23.13 12.09 30.05
CA ARG D 13 24.14 12.89 29.35
C ARG D 13 24.89 12.05 28.32
N PRO D 14 25.34 12.68 27.22
CA PRO D 14 26.11 11.95 26.23
C PRO D 14 27.39 11.46 26.88
N GLY D 15 27.77 10.24 26.51
CA GLY D 15 28.96 9.60 27.04
C GLY D 15 28.79 8.92 28.36
N ALA D 16 27.66 9.14 29.05
CA ALA D 16 27.38 8.48 30.31
C ALA D 16 26.92 7.05 30.05
N SER D 17 26.86 6.26 31.11
CA SER D 17 26.13 4.99 31.06
C SER D 17 24.78 5.11 31.76
N VAL D 18 23.84 4.24 31.38
CA VAL D 18 22.54 4.23 32.05
C VAL D 18 22.16 2.78 32.33
N LYS D 19 21.59 2.54 33.51
CA LYS D 19 21.05 1.23 33.90
C LYS D 19 19.54 1.22 33.78
N LEU D 20 19.02 0.47 32.81
CA LEU D 20 17.59 0.32 32.65
C LEU D 20 17.21 -0.96 33.38
N SER D 21 16.06 -0.94 34.06
CA SER D 21 15.67 -2.12 34.82
CA SER D 21 15.60 -2.05 34.91
C SER D 21 14.28 -2.58 34.41
N CYS D 22 14.02 -3.85 34.74
CA CYS D 22 12.82 -4.51 34.30
C CYS D 22 12.47 -5.46 35.44
N LYS D 23 11.46 -5.11 36.24
CA LYS D 23 11.08 -5.88 37.44
C LYS D 23 10.00 -6.86 37.03
N ALA D 24 10.28 -8.15 37.20
CA ALA D 24 9.36 -9.19 36.78
C ALA D 24 8.56 -9.67 37.97
N SER D 25 7.25 -9.87 37.76
CA SER D 25 6.43 -10.51 38.78
C SER D 25 5.41 -11.41 38.11
N GLY D 26 4.83 -12.31 38.92
CA GLY D 26 3.77 -13.21 38.45
C GLY D 26 4.24 -14.51 37.84
N TYR D 27 5.54 -14.79 37.88
CA TYR D 27 6.13 -16.07 37.49
C TYR D 27 7.45 -16.20 38.22
N THR D 28 8.06 -17.38 38.15
CA THR D 28 9.34 -17.58 38.81
C THR D 28 10.44 -17.10 37.86
N PHE D 29 11.11 -16.03 38.29
CA PHE D 29 11.94 -15.21 37.43
C PHE D 29 13.02 -16.02 36.71
N THR D 30 13.58 -17.07 37.34
CA THR D 30 14.69 -17.73 36.66
C THR D 30 14.22 -18.62 35.52
N ASP D 31 12.92 -18.88 35.42
CA ASP D 31 12.46 -19.89 34.45
C ASP D 31 12.45 -19.40 32.99
N TYR D 32 12.30 -18.09 32.76
CA TYR D 32 12.04 -17.56 31.42
C TYR D 32 13.16 -16.65 30.92
N GLU D 33 13.53 -16.81 29.65
CA GLU D 33 14.51 -15.91 29.04
C GLU D 33 13.96 -14.51 29.00
N MET D 34 14.83 -13.52 29.23
CA MET D 34 14.41 -12.13 29.14
C MET D 34 15.14 -11.48 27.97
N HIS D 35 14.38 -10.89 27.04
CA HIS D 35 14.93 -10.31 25.84
C HIS D 35 14.79 -8.80 25.96
N TRP D 36 15.59 -8.09 25.18
CA TRP D 36 15.42 -6.65 25.12
C TRP D 36 15.35 -6.19 23.68
N VAL D 37 14.63 -5.09 23.45
CA VAL D 37 14.37 -4.65 22.08
C VAL D 37 14.39 -3.12 22.09
N LYS D 38 14.97 -2.55 21.04
CA LYS D 38 15.05 -1.12 20.82
C LYS D 38 14.05 -0.70 19.73
N GLN D 39 13.34 0.41 19.95
CA GLN D 39 12.37 0.91 18.99
C GLN D 39 12.68 2.35 18.66
N THR D 40 12.82 2.62 17.36
CA THR D 40 13.08 3.95 16.85
C THR D 40 12.24 4.18 15.60
N PRO D 41 11.97 5.44 15.28
CA PRO D 41 11.39 5.71 13.96
C PRO D 41 12.21 5.16 12.80
N VAL D 42 13.54 5.29 12.87
CA VAL D 42 14.39 4.99 11.72
C VAL D 42 14.51 3.49 11.50
N HIS D 43 14.76 2.74 12.57
CA HIS D 43 15.03 1.29 12.44
C HIS D 43 13.86 0.40 12.85
N GLY D 44 12.78 0.94 13.39
CA GLY D 44 11.68 0.09 13.82
C GLY D 44 12.09 -0.66 15.06
N LEU D 45 11.74 -1.95 15.12
CA LEU D 45 12.04 -2.81 16.25
C LEU D 45 13.34 -3.55 15.99
N GLU D 46 14.28 -3.47 16.92
CA GLU D 46 15.55 -4.17 16.77
C GLU D 46 15.80 -5.02 18.01
N TRP D 47 16.08 -6.28 17.80
CA TRP D 47 16.48 -7.12 18.94
C TRP D 47 17.90 -6.80 19.40
N ILE D 48 18.07 -6.65 20.71
CA ILE D 48 19.34 -6.27 21.31
C ILE D 48 20.05 -7.53 21.74
N GLY D 49 19.36 -8.31 22.54
CA GLY D 49 19.92 -9.56 23.04
C GLY D 49 19.01 -10.18 24.10
N ALA D 50 19.48 -11.27 24.74
CA ALA D 50 18.70 -12.03 25.69
C ALA D 50 19.58 -12.56 26.81
N ILE D 51 19.01 -12.66 27.99
CA ILE D 51 19.70 -13.28 29.12
C ILE D 51 18.87 -14.44 29.65
N ASP D 52 19.57 -15.49 30.09
CA ASP D 52 18.97 -16.53 30.90
C ASP D 52 19.17 -16.18 32.38
N PRO D 53 18.13 -15.77 33.10
CA PRO D 53 18.38 -15.32 34.49
C PRO D 53 18.84 -16.42 35.40
N GLU D 54 18.60 -17.68 35.04
CA GLU D 54 19.06 -18.77 35.87
C GLU D 54 20.58 -18.84 35.90
N THR D 55 21.22 -18.57 34.76
CA THR D 55 22.67 -18.72 34.64
C THR D 55 23.41 -17.40 34.50
N GLY D 56 22.72 -16.33 34.13
CA GLY D 56 23.38 -15.11 33.72
C GLY D 56 23.97 -15.15 32.33
N GLY D 57 23.81 -16.25 31.59
CA GLY D 57 24.34 -16.33 30.25
C GLY D 57 23.53 -15.48 29.28
N THR D 58 24.22 -14.94 28.27
CA THR D 58 23.65 -13.94 27.40
C THR D 58 23.94 -14.28 25.96
N VAL D 59 23.18 -13.64 25.07
CA VAL D 59 23.47 -13.65 23.65
C VAL D 59 23.05 -12.30 23.11
N TYR D 60 23.83 -11.76 22.17
CA TYR D 60 23.61 -10.40 21.65
C TYR D 60 23.50 -10.36 20.13
N ASN D 61 22.69 -9.42 19.66
CA ASN D 61 22.82 -8.91 18.31
C ASN D 61 24.16 -8.21 18.18
N GLN D 62 24.93 -8.62 17.16
CA GLN D 62 26.26 -8.07 16.90
C GLN D 62 26.27 -6.54 16.91
N LYS D 63 25.20 -5.91 16.41
CA LYS D 63 25.16 -4.44 16.36
C LYS D 63 25.27 -3.83 17.76
N PHE D 64 24.84 -4.56 18.78
CA PHE D 64 24.75 -4.05 20.16
C PHE D 64 25.79 -4.63 21.10
N LYS D 65 26.67 -5.49 20.60
CA LYS D 65 27.73 -6.04 21.44
C LYS D 65 28.56 -4.93 22.04
N GLY D 66 28.79 -4.99 23.34
CA GLY D 66 29.55 -3.90 23.94
C GLY D 66 28.66 -2.73 24.36
N LYS D 67 27.96 -2.10 23.41
CA LYS D 67 27.01 -1.03 23.73
C LYS D 67 26.09 -1.43 24.89
N ALA D 68 25.50 -2.62 24.80
CA ALA D 68 24.56 -3.14 25.79
C ALA D 68 25.16 -4.32 26.57
N THR D 69 24.97 -4.30 27.89
CA THR D 69 25.31 -5.44 28.76
C THR D 69 24.08 -5.82 29.56
N LEU D 70 23.66 -7.10 29.43
CA LEU D 70 22.52 -7.60 30.18
C LEU D 70 22.99 -8.33 31.43
N THR D 71 22.34 -8.06 32.54
CA THR D 71 22.56 -8.79 33.80
C THR D 71 21.21 -9.06 34.46
N ALA D 72 21.22 -9.83 35.56
CA ALA D 72 19.95 -10.09 36.22
C ALA D 72 20.25 -10.32 37.68
N ASP D 73 19.32 -9.93 38.54
CA ASP D 73 19.41 -10.20 39.98
C ASP D 73 18.22 -11.04 40.40
N ILE D 74 18.51 -12.29 40.77
CA ILE D 74 17.43 -13.20 41.14
C ILE D 74 16.70 -12.72 42.39
N SER D 75 17.43 -12.28 43.44
CA SER D 75 16.74 -11.93 44.68
C SER D 75 15.76 -10.78 44.51
N SER D 76 16.03 -9.84 43.60
CA SER D 76 15.07 -8.76 43.37
C SER D 76 14.21 -8.99 42.12
N THR D 77 14.26 -10.19 41.55
CA THR D 77 13.59 -10.62 40.32
C THR D 77 13.60 -9.51 39.27
N THR D 78 14.80 -8.95 39.05
CA THR D 78 14.94 -7.81 38.13
C THR D 78 16.01 -8.06 37.07
N ALA D 79 15.69 -7.75 35.80
CA ALA D 79 16.65 -7.82 34.70
C ALA D 79 17.14 -6.40 34.39
N TYR D 80 18.41 -6.29 34.04
CA TYR D 80 19.04 -4.98 33.79
C TYR D 80 19.68 -4.97 32.41
N MET D 81 19.65 -3.79 31.77
CA MET D 81 20.44 -3.53 30.56
C MET D 81 21.22 -2.24 30.83
N GLU D 82 22.55 -2.35 30.82
CA GLU D 82 23.37 -1.14 30.83
C GLU D 82 23.76 -0.75 29.39
N LEU D 83 23.46 0.49 29.03
CA LEU D 83 23.85 1.09 27.77
C LEU D 83 25.01 2.04 28.09
N ARG D 84 26.19 1.80 27.52
CA ARG D 84 27.36 2.64 27.82
C ARG D 84 27.64 3.63 26.69
N SER D 85 28.49 4.62 26.98
CA SER D 85 29.01 5.55 25.96
C SER D 85 27.91 6.16 25.08
N LEU D 86 26.89 6.68 25.75
CA LEU D 86 25.65 7.04 25.07
C LEU D 86 25.86 8.12 24.02
N THR D 87 25.18 7.96 22.90
CA THR D 87 25.21 8.93 21.80
C THR D 87 23.79 9.20 21.39
N SER D 88 23.62 10.14 20.45
CA SER D 88 22.28 10.46 20.03
C SER D 88 21.56 9.27 19.42
N GLU D 89 22.33 8.37 18.78
CA GLU D 89 21.78 7.14 18.20
C GLU D 89 21.11 6.26 19.23
N ASP D 90 21.48 6.38 20.51
CA ASP D 90 20.87 5.52 21.53
C ASP D 90 19.54 6.07 22.06
N SER D 91 19.14 7.29 21.69
CA SER D 91 17.82 7.77 22.07
C SER D 91 16.79 6.89 21.40
N ALA D 92 15.90 6.34 22.21
CA ALA D 92 14.97 5.31 21.72
C ALA D 92 14.01 4.92 22.83
N VAL D 93 13.04 4.04 22.49
CA VAL D 93 12.26 3.34 23.52
C VAL D 93 12.82 1.93 23.62
N TYR D 94 13.00 1.43 24.83
CA TYR D 94 13.56 0.10 25.07
C TYR D 94 12.51 -0.74 25.79
N PHE D 95 12.32 -1.99 25.33
CA PHE D 95 11.38 -2.90 25.96
C PHE D 95 12.14 -4.11 26.49
N CYS D 96 11.68 -4.64 27.62
CA CYS D 96 12.06 -6.00 27.98
C CYS D 96 10.87 -6.91 27.67
N ILE D 97 11.17 -8.17 27.36
CA ILE D 97 10.14 -9.15 27.02
C ILE D 97 10.54 -10.48 27.63
N SER D 98 9.65 -11.09 28.39
CA SER D 98 9.89 -12.41 28.95
C SER D 98 9.22 -13.41 28.01
N GLU D 99 9.91 -14.52 27.68
CA GLU D 99 9.36 -15.55 26.79
C GLU D 99 8.84 -16.72 27.63
N ASP D 100 7.55 -17.04 27.51
CA ASP D 100 6.99 -18.21 28.20
C ASP D 100 7.52 -19.50 27.57
N ILE D 101 7.54 -20.57 28.38
CA ILE D 101 7.78 -21.90 27.83
C ILE D 101 6.78 -22.23 26.73
N ASP D 102 5.55 -21.75 26.87
CA ASP D 102 4.49 -21.93 25.86
C ASP D 102 4.75 -20.90 24.76
N GLU D 103 4.99 -21.36 23.53
CA GLU D 103 5.45 -20.38 22.53
C GLU D 103 4.35 -19.48 22.04
N SER D 104 3.12 -19.67 22.49
CA SER D 104 2.11 -18.66 22.17
C SER D 104 2.15 -17.44 23.08
N LYS D 105 2.99 -17.45 24.12
CA LYS D 105 2.92 -16.41 25.13
C LYS D 105 4.25 -15.72 25.30
N ASP D 106 4.25 -14.40 25.21
CA ASP D 106 5.35 -13.63 25.78
C ASP D 106 4.77 -12.38 26.43
N TYR D 107 5.59 -11.73 27.25
CA TYR D 107 5.13 -10.67 28.14
C TYR D 107 6.02 -9.46 27.95
N TRP D 108 5.43 -8.31 27.64
CA TRP D 108 6.22 -7.11 27.37
C TRP D 108 6.16 -6.09 28.51
N GLY D 109 7.29 -5.44 28.78
CA GLY D 109 7.24 -4.29 29.65
C GLY D 109 6.59 -3.15 28.88
N GLN D 110 6.38 -2.03 29.59
CA GLN D 110 5.70 -0.88 28.98
C GLN D 110 6.66 0.01 28.22
N GLY D 111 7.94 -0.27 28.32
CA GLY D 111 8.92 0.52 27.61
C GLY D 111 9.48 1.63 28.48
N THR D 112 10.75 1.92 28.26
CA THR D 112 11.44 3.08 28.85
C THR D 112 11.88 3.98 27.69
N THR D 113 11.51 5.27 27.77
CA THR D 113 11.96 6.23 26.78
C THR D 113 13.27 6.86 27.25
N LEU D 114 14.34 6.64 26.49
CA LEU D 114 15.67 7.19 26.82
C LEU D 114 15.95 8.35 25.87
N THR D 115 16.33 9.52 26.43
CA THR D 115 16.74 10.70 25.66
C THR D 115 18.14 11.07 26.06
N VAL D 116 19.05 11.01 25.11
CA VAL D 116 20.46 11.22 25.37
C VAL D 116 20.66 12.69 25.07
N SER D 117 20.95 13.46 26.11
CA SER D 117 21.06 14.90 25.89
C SER D 117 21.69 15.49 27.15
N SER D 118 22.42 16.59 26.99
CA SER D 118 22.93 17.34 28.13
CA SER D 118 22.90 17.32 28.16
C SER D 118 21.92 18.40 28.62
N ALA D 119 20.94 18.74 27.79
CA ALA D 119 20.00 19.79 28.14
C ALA D 119 19.18 19.32 29.33
N LYS D 120 19.09 20.18 30.34
CA LYS D 120 18.34 19.83 31.53
C LYS D 120 16.83 19.90 31.25
N THR D 121 16.09 19.13 32.04
CA THR D 121 14.65 18.99 31.86
C THR D 121 13.89 20.29 32.09
N THR D 122 12.78 20.44 31.38
CA THR D 122 11.85 21.53 31.59
C THR D 122 10.51 20.89 31.91
N ALA D 123 9.89 21.31 33.05
CA ALA D 123 8.60 20.72 33.40
C ALA D 123 7.50 21.38 32.56
N PRO D 124 6.44 20.64 32.26
CA PRO D 124 5.28 21.20 31.57
C PRO D 124 4.49 22.16 32.44
N SER D 125 3.82 23.10 31.78
CA SER D 125 2.72 23.84 32.37
C SER D 125 1.44 23.14 31.98
N VAL D 126 0.60 22.81 32.96
CA VAL D 126 -0.63 22.08 32.70
C VAL D 126 -1.78 23.06 32.88
N TYR D 127 -2.49 23.32 31.81
CA TYR D 127 -3.64 24.23 31.84
C TYR D 127 -4.96 23.52 31.54
N PRO D 128 -6.02 23.88 32.28
CA PRO D 128 -7.34 23.28 32.03
C PRO D 128 -8.05 24.01 30.89
N LEU D 129 -8.74 23.24 30.05
CA LEU D 129 -9.54 23.79 28.95
C LEU D 129 -11.02 23.57 29.28
N ALA D 130 -11.67 24.63 29.67
CA ALA D 130 -13.06 24.59 29.99
C ALA D 130 -13.83 25.43 28.99
N PRO D 131 -15.04 25.06 28.63
CA PRO D 131 -15.81 25.83 27.64
C PRO D 131 -16.24 27.19 28.16
N VAL D 132 -16.47 28.13 27.22
CA VAL D 132 -17.07 29.42 27.53
C VAL D 132 -18.55 29.22 27.84
N CYS D 133 -19.22 30.23 28.39
CA CYS D 133 -20.59 30.03 28.82
C CYS D 133 -21.49 29.57 27.67
N GLY D 134 -21.32 30.16 26.48
CA GLY D 134 -22.21 29.82 25.37
C GLY D 134 -22.03 28.42 24.79
N ASP D 135 -21.03 27.66 25.25
CA ASP D 135 -20.72 26.33 24.75
C ASP D 135 -20.95 25.22 25.78
N THR D 136 -21.78 25.48 26.81
CA THR D 136 -22.08 24.49 27.85
C THR D 136 -23.52 23.99 27.78
N SER D 137 -24.28 24.41 26.76
CA SER D 137 -25.69 24.05 26.65
C SER D 137 -25.96 23.24 25.39
N GLY D 138 -24.92 22.57 24.85
CA GLY D 138 -25.13 21.64 23.76
C GLY D 138 -25.42 20.24 24.28
N SER D 139 -25.72 19.34 23.34
CA SER D 139 -25.96 17.95 23.67
C SER D 139 -24.82 17.35 24.50
N SER D 140 -23.58 17.67 24.12
CA SER D 140 -22.42 17.15 24.82
C SER D 140 -21.55 18.34 25.21
N VAL D 141 -20.56 18.08 26.04
CA VAL D 141 -19.63 19.12 26.45
C VAL D 141 -18.23 18.53 26.33
N THR D 142 -17.31 19.32 25.82
CA THR D 142 -15.96 18.86 25.62
C THR D 142 -15.07 19.65 26.56
N LEU D 143 -14.18 18.94 27.22
CA LEU D 143 -13.21 19.54 28.11
C LEU D 143 -11.84 19.16 27.59
N GLY D 144 -10.82 19.85 28.10
CA GLY D 144 -9.51 19.48 27.65
C GLY D 144 -8.46 19.80 28.67
N CYS D 145 -7.23 19.46 28.28
CA CYS D 145 -6.05 19.73 29.07
CA CYS D 145 -6.02 19.62 29.07
C CYS D 145 -4.88 19.99 28.13
N LEU D 146 -4.19 21.10 28.38
CA LEU D 146 -3.07 21.52 27.56
C LEU D 146 -1.79 21.33 28.37
N VAL D 147 -0.83 20.60 27.82
CA VAL D 147 0.40 20.29 28.54
C VAL D 147 1.51 20.92 27.73
N LYS D 148 1.93 22.12 28.14
CA LYS D 148 2.70 22.98 27.27
C LYS D 148 4.13 23.11 27.78
N GLY D 149 5.08 23.01 26.84
CA GLY D 149 6.45 23.46 27.08
C GLY D 149 7.27 22.57 27.96
N TYR D 150 7.48 21.31 27.59
CA TYR D 150 8.25 20.40 28.43
C TYR D 150 9.36 19.75 27.61
N PHE D 151 10.38 19.27 28.32
CA PHE D 151 11.43 18.49 27.69
C PHE D 151 12.05 17.56 28.75
N PRO D 152 12.32 16.28 28.40
CA PRO D 152 12.07 15.58 27.15
C PRO D 152 10.73 14.82 27.21
N GLU D 153 10.46 14.06 26.16
CA GLU D 153 9.41 13.05 26.23
CA GLU D 153 9.44 13.00 26.18
C GLU D 153 9.83 11.99 27.22
N PRO D 154 8.85 11.30 27.85
CA PRO D 154 7.41 11.35 27.60
C PRO D 154 6.62 12.06 28.71
N VAL D 155 5.35 12.33 28.44
CA VAL D 155 4.41 12.64 29.50
C VAL D 155 3.32 11.59 29.42
N THR D 156 2.71 11.28 30.56
CA THR D 156 1.52 10.44 30.55
C THR D 156 0.33 11.30 30.95
N LEU D 157 -0.81 11.03 30.34
CA LEU D 157 -2.01 11.81 30.62
C LEU D 157 -3.18 10.84 30.71
N THR D 158 -3.89 10.86 31.82
CA THR D 158 -5.15 10.11 31.95
C THR D 158 -6.23 11.06 32.44
N TRP D 159 -7.47 10.58 32.39
CA TRP D 159 -8.60 11.33 32.89
C TRP D 159 -9.22 10.52 34.03
N ASN D 160 -9.50 11.19 35.14
CA ASN D 160 -10.02 10.54 36.34
C ASN D 160 -9.25 9.25 36.67
N SER D 161 -7.92 9.37 36.69
CA SER D 161 -7.01 8.28 37.03
C SER D 161 -7.20 7.06 36.12
N GLY D 162 -7.65 7.28 34.90
CA GLY D 162 -7.80 6.19 33.96
C GLY D 162 -9.18 5.56 33.94
N SER D 163 -10.08 5.98 34.81
CA SER D 163 -11.42 5.39 34.82
C SER D 163 -12.36 6.07 33.84
N LEU D 164 -11.92 7.13 33.18
CA LEU D 164 -12.63 7.77 32.07
C LEU D 164 -11.78 7.57 30.81
N SER D 165 -12.26 6.75 29.88
CA SER D 165 -11.46 6.44 28.69
C SER D 165 -12.24 6.65 27.39
N SER D 166 -13.56 6.50 27.43
CA SER D 166 -14.34 6.73 26.22
C SER D 166 -14.52 8.23 25.98
N GLY D 167 -14.54 8.60 24.70
CA GLY D 167 -14.64 10.00 24.34
C GLY D 167 -13.34 10.78 24.42
N VAL D 168 -12.21 10.11 24.56
CA VAL D 168 -10.93 10.78 24.77
C VAL D 168 -10.13 10.81 23.47
N HIS D 169 -9.51 11.95 23.20
CA HIS D 169 -8.47 12.05 22.18
C HIS D 169 -7.24 12.66 22.82
N THR D 170 -6.13 11.92 22.84
CA THR D 170 -4.88 12.51 23.31
C THR D 170 -3.97 12.66 22.10
N PHE D 171 -3.52 13.88 21.87
CA PHE D 171 -2.82 14.28 20.66
C PHE D 171 -1.34 14.09 20.85
N PRO D 172 -0.67 13.50 19.88
CA PRO D 172 0.77 13.25 19.99
C PRO D 172 1.53 14.54 20.23
N ALA D 173 2.60 14.45 21.03
CA ALA D 173 3.44 15.62 21.30
C ALA D 173 4.01 16.19 20.02
N VAL D 174 4.11 17.50 19.98
CA VAL D 174 4.71 18.20 18.86
C VAL D 174 5.79 19.10 19.43
N LEU D 175 6.96 19.08 18.78
CA LEU D 175 8.17 19.72 19.26
C LEU D 175 8.32 21.03 18.50
N GLN D 176 8.44 22.13 19.23
CA GLN D 176 8.57 23.46 18.66
C GLN D 176 9.52 24.23 19.57
N SER D 177 10.49 24.97 18.97
CA SER D 177 11.48 25.72 19.75
C SER D 177 12.09 24.89 20.88
N ASP D 178 12.36 23.61 20.61
CA ASP D 178 13.06 22.68 21.51
C ASP D 178 12.21 22.21 22.68
N LEU D 179 10.94 22.59 22.77
CA LEU D 179 10.06 22.07 23.82
C LEU D 179 8.87 21.38 23.18
N TYR D 180 8.38 20.37 23.87
CA TYR D 180 7.22 19.60 23.49
C TYR D 180 5.93 20.21 24.06
N THR D 181 4.83 20.01 23.33
CA THR D 181 3.49 20.32 23.82
C THR D 181 2.54 19.22 23.36
N LEU D 182 1.67 18.78 24.25
CA LEU D 182 0.57 17.93 23.82
C LEU D 182 -0.72 18.40 24.45
N SER D 183 -1.82 17.80 24.02
CA SER D 183 -3.12 18.17 24.55
C SER D 183 -4.01 16.94 24.53
N SER D 184 -5.16 17.07 25.19
CA SER D 184 -6.11 15.97 25.25
C SER D 184 -7.49 16.57 25.41
N SER D 185 -8.44 16.00 24.68
CA SER D 185 -9.84 16.39 24.74
C SER D 185 -10.64 15.22 25.28
N VAL D 186 -11.72 15.53 25.99
CA VAL D 186 -12.63 14.49 26.47
C VAL D 186 -14.07 14.99 26.32
N THR D 187 -14.92 14.16 25.74
CA THR D 187 -16.28 14.58 25.48
C THR D 187 -17.23 13.74 26.32
N VAL D 188 -18.08 14.42 27.10
CA VAL D 188 -19.01 13.77 28.01
C VAL D 188 -20.37 14.43 27.79
N THR D 189 -21.40 13.79 28.31
CA THR D 189 -22.69 14.44 28.13
C THR D 189 -22.85 15.56 29.15
N SER D 190 -23.72 16.51 28.80
CA SER D 190 -23.94 17.69 29.63
CA SER D 190 -23.93 17.69 29.64
C SER D 190 -24.85 17.30 30.80
N SER D 191 -24.50 16.23 31.46
CA SER D 191 -25.03 15.73 32.72
C SER D 191 -23.93 15.21 33.62
N THR D 192 -22.81 14.72 33.05
CA THR D 192 -21.67 14.26 33.81
C THR D 192 -20.94 15.43 34.45
N TRP D 193 -20.69 16.46 33.67
CA TRP D 193 -19.86 17.57 34.12
C TRP D 193 -20.67 18.84 34.03
N PRO D 194 -20.64 19.67 35.07
CA PRO D 194 -19.73 19.55 36.22
C PRO D 194 -20.32 18.89 37.48
N SER D 195 -21.49 18.24 37.41
CA SER D 195 -22.01 17.56 38.60
C SER D 195 -21.04 16.48 39.08
N GLN D 196 -20.28 15.88 38.17
CA GLN D 196 -19.17 15.00 38.53
C GLN D 196 -17.85 15.68 38.20
N SER D 197 -16.84 15.38 38.99
CA SER D 197 -15.55 16.01 38.75
C SER D 197 -14.84 15.31 37.60
N ILE D 198 -14.09 16.10 36.83
CA ILE D 198 -13.26 15.58 35.76
C ILE D 198 -11.89 16.19 35.93
N THR D 199 -10.88 15.33 36.01
CA THR D 199 -9.51 15.70 36.32
C THR D 199 -8.56 15.07 35.30
N CYS D 200 -7.64 15.86 34.80
CA CYS D 200 -6.60 15.28 33.96
CA CYS D 200 -6.57 15.40 33.92
C CYS D 200 -5.32 15.13 34.77
N ASN D 201 -4.83 13.89 34.80
CA ASN D 201 -3.64 13.50 35.56
C ASN D 201 -2.47 13.45 34.60
N VAL D 202 -1.51 14.34 34.81
CA VAL D 202 -0.36 14.50 33.94
C VAL D 202 0.88 14.13 34.75
N ALA D 203 1.75 13.30 34.17
CA ALA D 203 3.03 12.97 34.78
C ALA D 203 4.16 13.23 33.78
N HIS D 204 5.22 13.87 34.26
CA HIS D 204 6.44 14.09 33.48
C HIS D 204 7.60 13.61 34.33
N PRO D 205 8.00 12.35 34.18
CA PRO D 205 9.02 11.77 35.08
C PRO D 205 10.32 12.57 35.15
N ALA D 206 10.81 13.02 34.00
CA ALA D 206 12.13 13.62 33.94
C ALA D 206 12.24 14.82 34.88
N SER D 207 11.12 15.54 35.10
CA SER D 207 11.11 16.68 36.00
C SER D 207 10.42 16.38 37.33
N SER D 208 10.15 15.11 37.62
CA SER D 208 9.39 14.71 38.81
C SER D 208 8.10 15.51 38.94
N THR D 209 7.40 15.68 37.83
CA THR D 209 6.16 16.44 37.80
C THR D 209 4.97 15.50 37.82
N LYS D 210 4.03 15.74 38.71
CA LYS D 210 2.77 15.01 38.74
C LYS D 210 1.70 16.03 39.12
N VAL D 211 0.84 16.34 38.15
CA VAL D 211 -0.20 17.36 38.31
C VAL D 211 -1.54 16.68 38.14
N ASP D 212 -2.49 16.98 39.04
CA ASP D 212 -3.87 16.53 38.92
C ASP D 212 -4.72 17.78 38.72
N LYS D 213 -5.05 18.10 37.47
CA LYS D 213 -5.70 19.36 37.14
C LYS D 213 -7.21 19.16 37.06
N LYS D 214 -7.92 19.67 38.07
CA LYS D 214 -9.38 19.67 38.02
C LYS D 214 -9.86 20.62 36.93
N ILE D 215 -10.86 20.20 36.17
CA ILE D 215 -11.48 21.07 35.16
C ILE D 215 -12.74 21.64 35.81
N GLU D 216 -12.75 22.92 36.09
CA GLU D 216 -13.89 23.57 36.69
C GLU D 216 -14.52 24.62 35.77
N PRO D 217 -15.79 24.95 35.99
CA PRO D 217 -16.43 25.98 35.16
C PRO D 217 -15.70 27.31 35.25
N ARG D 218 -15.69 28.04 34.15
CA ARG D 218 -15.16 29.39 34.12
C ARG D 218 -16.02 30.33 34.97
#